data_5XGX
#
_entry.id   5XGX
#
_cell.length_a   107.878
_cell.length_b   107.878
_cell.length_c   155.879
_cell.angle_alpha   90.00
_cell.angle_beta   90.00
_cell.angle_gamma   90.00
#
_symmetry.space_group_name_H-M   'P 4 21 2'
#
loop_
_entity.id
_entity.type
_entity.pdbx_description
1 polymer 'Isoaspartyl dipeptidase'
2 non-polymer 'ZINC ION'
3 non-polymer 'D-ASPARTIC ACID'
4 non-polymer D-LYSINE
5 water water
#
_entity_poly.entity_id   1
_entity_poly.type   'polypeptide(L)'
_entity_poly.pdbx_seq_one_letter_code
;MNDSQTMLILLCNVNIYAPNPLGIKDVLIAGNKIAAIYDHGQGEITIPKQWPVKVINFDGAILTPGFIDSHAHITGGGGQ
AGFATQVPPVGLTEFTHAGVTTVVGLLGTDDTTRSTENLLSRVYGLREEGLSAYCWTGGYHFPLTTITGSAKSDIAFLEP
VIGIGEFAISDHRSSQPTFEEVIRLASETHVAGLITGKAGVIHFHLGDGERRLELIERAIRETELPARVFNPTHVNRNKP
LFEDSCKLLSKGCHIDLTAFPAGTAQPGWEACDAIEMAVERQLPLEQITLSSDGGGCLPCFDPQGELQHMDFGRASTLGE
TLVATLNKGLSLETVLPMLTSNVANILRFKNKGQIAVGFDADLLVMNEKYEITDVMAQGVWHKQNNQTMIKGTFE
;
_entity_poly.pdbx_strand_id   A,B
#
# COMPACT_ATOMS: atom_id res chain seq x y z
N THR A 6 -19.08 -5.98 -9.59
CA THR A 6 -18.90 -7.16 -8.66
C THR A 6 -17.46 -7.65 -8.77
N MET A 7 -17.04 -8.49 -7.83
CA MET A 7 -15.64 -8.94 -7.80
C MET A 7 -15.10 -9.74 -9.00
N LEU A 8 -15.93 -10.55 -9.66
CA LEU A 8 -15.48 -11.25 -10.86
C LEU A 8 -16.14 -10.65 -12.08
N ILE A 9 -15.33 -10.31 -13.07
CA ILE A 9 -15.83 -9.68 -14.28
C ILE A 9 -15.20 -10.43 -15.43
N LEU A 10 -16.04 -10.86 -16.36
CA LEU A 10 -15.60 -11.57 -17.52
C LEU A 10 -15.87 -10.64 -18.66
N LEU A 11 -14.81 -10.21 -19.33
CA LEU A 11 -14.94 -9.33 -20.47
C LEU A 11 -14.78 -10.21 -21.70
N CYS A 12 -15.85 -10.35 -22.46
CA CYS A 12 -15.84 -11.25 -23.62
C CYS A 12 -15.62 -10.53 -24.88
N ASN A 13 -14.90 -11.18 -25.78
CA ASN A 13 -14.77 -10.79 -27.16
C ASN A 13 -14.12 -9.44 -27.23
N VAL A 14 -12.86 -9.39 -26.79
CA VAL A 14 -12.06 -8.14 -26.84
C VAL A 14 -10.80 -8.31 -27.69
N ASN A 15 -10.53 -7.30 -28.49
CA ASN A 15 -9.37 -7.32 -29.35
C ASN A 15 -8.19 -6.72 -28.58
N ILE A 16 -7.39 -7.58 -27.98
CA ILE A 16 -6.42 -7.14 -27.00
C ILE A 16 -5.13 -6.65 -27.61
N TYR A 17 -4.80 -5.43 -27.20
CA TYR A 17 -3.45 -4.91 -27.32
C TYR A 17 -2.82 -4.85 -25.95
N ALA A 18 -1.91 -5.80 -25.71
CA ALA A 18 -1.32 -6.11 -24.40
C ALA A 18 -0.11 -5.35 -23.81
N PRO A 19 0.49 -4.38 -24.50
CA PRO A 19 0.21 -3.61 -25.70
C PRO A 19 0.39 -4.39 -27.00
N ASN A 20 1.16 -5.47 -26.96
CA ASN A 20 1.29 -6.44 -28.03
C ASN A 20 -0.02 -7.01 -28.51
N PRO A 21 -0.18 -7.13 -29.84
CA PRO A 21 -1.47 -7.67 -30.33
C PRO A 21 -1.64 -9.17 -30.03
N LEU A 22 -2.77 -9.48 -29.40
CA LEU A 22 -3.11 -10.83 -29.02
C LEU A 22 -4.30 -11.38 -29.85
N GLY A 23 -5.02 -10.53 -30.57
CA GLY A 23 -6.23 -10.99 -31.29
C GLY A 23 -7.37 -11.03 -30.31
N ILE A 24 -8.43 -11.74 -30.68
CA ILE A 24 -9.68 -11.70 -29.98
C ILE A 24 -9.66 -12.64 -28.81
N LYS A 25 -10.01 -12.14 -27.62
CA LYS A 25 -9.89 -12.96 -26.39
C LYS A 25 -11.05 -12.75 -25.44
N ASP A 26 -11.13 -13.58 -24.40
CA ASP A 26 -11.98 -13.30 -23.23
C ASP A 26 -10.99 -13.14 -22.09
N VAL A 27 -11.30 -12.24 -21.15
CA VAL A 27 -10.41 -11.92 -20.03
C VAL A 27 -11.23 -12.01 -18.75
N LEU A 28 -10.79 -12.84 -17.80
CA LEU A 28 -11.40 -12.90 -16.51
C LEU A 28 -10.64 -11.96 -15.56
N ILE A 29 -11.36 -11.04 -14.92
CA ILE A 29 -10.86 -10.20 -13.84
C ILE A 29 -11.36 -10.77 -12.52
N ALA A 30 -10.46 -10.91 -11.53
CA ALA A 30 -10.88 -11.33 -10.22
C ALA A 30 -10.28 -10.38 -9.23
N GLY A 31 -11.11 -9.67 -8.49
CA GLY A 31 -10.65 -8.60 -7.65
C GLY A 31 -10.01 -7.49 -8.46
N ASN A 32 -8.79 -7.16 -8.10
CA ASN A 32 -8.05 -6.07 -8.74
C ASN A 32 -7.00 -6.62 -9.74
N LYS A 33 -7.07 -7.91 -10.05
CA LYS A 33 -6.07 -8.60 -10.83
C LYS A 33 -6.67 -9.23 -12.10
N ILE A 34 -5.81 -9.42 -13.10
CA ILE A 34 -6.20 -10.13 -14.31
C ILE A 34 -5.96 -11.63 -14.08
N ALA A 35 -7.02 -12.41 -14.16
CA ALA A 35 -6.98 -13.84 -13.72
C ALA A 35 -6.79 -14.84 -14.84
N ALA A 36 -7.26 -14.48 -16.05
CA ALA A 36 -7.18 -15.35 -17.20
C ALA A 36 -7.40 -14.61 -18.49
N ILE A 37 -6.77 -15.12 -19.54
CA ILE A 37 -6.90 -14.63 -20.91
C ILE A 37 -6.88 -15.83 -21.84
N TYR A 38 -7.90 -15.99 -22.68
CA TYR A 38 -8.02 -17.18 -23.52
C TYR A 38 -8.89 -16.92 -24.71
N ASP A 39 -8.76 -17.77 -25.73
CA ASP A 39 -9.42 -17.51 -27.01
C ASP A 39 -10.93 -17.46 -26.86
N HIS A 40 -11.57 -16.61 -27.69
CA HIS A 40 -13.00 -16.36 -27.60
C HIS A 40 -13.75 -17.53 -28.23
N GLY A 41 -14.16 -18.49 -27.41
CA GLY A 41 -14.88 -19.69 -27.87
C GLY A 41 -16.17 -19.32 -28.59
N GLN A 42 -16.58 -20.18 -29.53
CA GLN A 42 -17.72 -19.91 -30.44
C GLN A 42 -19.12 -20.00 -29.75
N GLY A 43 -19.18 -20.70 -28.61
CA GLY A 43 -20.38 -20.74 -27.77
C GLY A 43 -20.13 -20.02 -26.46
N GLU A 44 -20.78 -20.49 -25.40
CA GLU A 44 -20.62 -19.93 -24.06
C GLU A 44 -19.95 -20.96 -23.13
N ILE A 45 -19.77 -20.58 -21.87
CA ILE A 45 -19.19 -21.44 -20.83
C ILE A 45 -20.22 -21.61 -19.70
N THR A 46 -20.03 -22.64 -18.89
CA THR A 46 -20.86 -22.85 -17.69
C THR A 46 -20.19 -22.11 -16.52
N ILE A 47 -20.90 -21.15 -15.93
CA ILE A 47 -20.42 -20.40 -14.74
C ILE A 47 -21.14 -20.88 -13.49
N PRO A 48 -20.43 -21.36 -12.45
CA PRO A 48 -21.19 -21.90 -11.29
C PRO A 48 -22.10 -20.85 -10.70
N LYS A 49 -23.28 -21.23 -10.24
CA LYS A 49 -24.33 -20.21 -9.99
C LYS A 49 -24.12 -19.36 -8.73
N GLN A 50 -23.42 -19.92 -7.74
CA GLN A 50 -23.20 -19.25 -6.47
C GLN A 50 -22.09 -18.18 -6.62
N TRP A 51 -21.30 -18.26 -7.69
CA TRP A 51 -20.27 -17.29 -7.93
C TRP A 51 -20.86 -16.03 -8.55
N PRO A 52 -20.67 -14.86 -7.93
CA PRO A 52 -21.18 -13.63 -8.55
C PRO A 52 -20.22 -13.18 -9.64
N VAL A 53 -20.63 -13.33 -10.90
CA VAL A 53 -19.82 -12.88 -12.01
C VAL A 53 -20.60 -12.03 -12.99
N LYS A 54 -20.07 -10.86 -13.27
CA LYS A 54 -20.65 -9.95 -14.24
C LYS A 54 -20.00 -10.27 -15.60
N VAL A 55 -20.81 -10.50 -16.62
CA VAL A 55 -20.32 -10.88 -17.94
C VAL A 55 -20.63 -9.74 -18.91
N ILE A 56 -19.63 -9.24 -19.64
CA ILE A 56 -19.88 -8.18 -20.59
C ILE A 56 -19.28 -8.58 -21.94
N ASN A 57 -20.05 -8.46 -23.03
CA ASN A 57 -19.57 -8.82 -24.36
C ASN A 57 -19.23 -7.51 -25.03
N PHE A 58 -18.05 -7.39 -25.62
CA PHE A 58 -17.61 -6.11 -26.13
C PHE A 58 -17.57 -6.12 -27.63
N ASP A 59 -18.12 -7.20 -28.21
CA ASP A 59 -18.29 -7.21 -29.65
C ASP A 59 -16.99 -6.85 -30.43
N GLY A 60 -15.85 -7.36 -29.98
CA GLY A 60 -14.56 -7.14 -30.65
C GLY A 60 -13.86 -5.81 -30.38
N ALA A 61 -14.29 -5.04 -29.38
CA ALA A 61 -13.71 -3.68 -29.20
C ALA A 61 -12.26 -3.80 -28.73
N ILE A 62 -11.44 -2.87 -29.18
CA ILE A 62 -10.08 -2.78 -28.68
C ILE A 62 -9.98 -2.71 -27.12
N LEU A 63 -9.17 -3.61 -26.53
CA LEU A 63 -8.78 -3.54 -25.12
C LEU A 63 -7.27 -3.26 -24.91
N THR A 64 -6.99 -2.32 -24.01
CA THR A 64 -5.66 -1.75 -23.85
C THR A 64 -5.25 -1.69 -22.36
N PRO A 65 -3.94 -1.66 -22.03
CA PRO A 65 -3.62 -1.28 -20.68
C PRO A 65 -4.01 0.16 -20.37
N GLY A 66 -4.33 0.46 -19.12
CA GLY A 66 -4.52 1.86 -18.76
C GLY A 66 -3.23 2.62 -18.93
N PHE A 67 -3.34 3.92 -19.23
CA PHE A 67 -2.17 4.75 -19.43
C PHE A 67 -1.54 5.03 -18.08
N ILE A 68 -0.20 5.07 -18.04
CA ILE A 68 0.55 5.44 -16.85
C ILE A 68 1.20 6.79 -17.14
N ASP A 69 0.73 7.82 -16.45
CA ASP A 69 1.16 9.23 -16.68
C ASP A 69 2.24 9.56 -15.66
N SER A 70 3.50 9.65 -16.10
CA SER A 70 4.62 9.81 -15.18
C SER A 70 4.83 11.29 -14.77
N HIS A 71 4.04 12.21 -15.32
CA HIS A 71 4.29 13.63 -15.11
C HIS A 71 2.99 14.42 -15.00
N ALA A 72 2.39 14.44 -13.82
CA ALA A 72 1.13 15.19 -13.58
C ALA A 72 1.29 16.09 -12.36
N HIS A 73 0.88 17.34 -12.45
CA HIS A 73 0.82 18.23 -11.29
C HIS A 73 -0.52 18.07 -10.60
N ILE A 74 -0.58 17.06 -9.73
CA ILE A 74 -1.83 16.60 -9.16
C ILE A 74 -2.38 17.63 -8.17
N THR A 75 -1.47 18.40 -7.55
CA THR A 75 -1.84 19.55 -6.71
C THR A 75 -2.18 20.79 -7.55
N GLY A 76 -2.00 20.72 -8.86
CA GLY A 76 -1.99 21.88 -9.72
C GLY A 76 -0.59 22.44 -9.75
N GLY A 77 -0.20 23.01 -10.86
CA GLY A 77 1.10 23.68 -10.97
C GLY A 77 0.93 25.19 -11.00
N GLY A 78 1.61 25.84 -11.93
CA GLY A 78 1.52 27.25 -12.11
C GLY A 78 2.22 28.01 -11.04
N GLY A 79 1.77 29.24 -10.83
CA GLY A 79 2.38 30.17 -9.89
C GLY A 79 3.57 30.93 -10.48
N GLN A 80 3.74 30.90 -11.80
CA GLN A 80 4.90 31.54 -12.45
C GLN A 80 4.61 32.88 -13.08
N ALA A 81 3.40 33.38 -12.91
CA ALA A 81 3.10 34.76 -13.30
C ALA A 81 2.21 35.37 -12.22
N GLY A 82 2.66 35.26 -10.97
CA GLY A 82 1.89 35.72 -9.84
C GLY A 82 1.10 34.65 -9.09
N PHE A 83 0.77 34.98 -7.84
CA PHE A 83 0.01 34.10 -6.96
C PHE A 83 -1.35 33.64 -7.47
N ALA A 84 -2.01 34.45 -8.29
CA ALA A 84 -3.31 34.11 -8.85
C ALA A 84 -3.23 33.07 -9.94
N THR A 85 -2.01 32.74 -10.43
CA THR A 85 -1.87 31.71 -11.46
C THR A 85 -1.64 30.30 -10.90
N GLN A 86 -1.82 30.12 -9.61
CA GLN A 86 -1.78 28.81 -8.96
C GLN A 86 -3.00 27.97 -9.35
N VAL A 87 -2.70 26.82 -9.97
CA VAL A 87 -3.71 25.93 -10.53
C VAL A 87 -4.33 25.10 -9.42
N PRO A 88 -5.67 24.99 -9.38
CA PRO A 88 -6.31 24.10 -8.41
C PRO A 88 -5.92 22.61 -8.60
N PRO A 89 -6.14 21.76 -7.58
CA PRO A 89 -5.94 20.31 -7.71
C PRO A 89 -6.68 19.70 -8.91
N VAL A 90 -6.08 18.73 -9.58
CA VAL A 90 -6.70 18.11 -10.73
C VAL A 90 -7.64 17.03 -10.18
N GLY A 91 -8.88 16.99 -10.66
CA GLY A 91 -9.91 16.08 -10.13
C GLY A 91 -9.69 14.67 -10.66
N LEU A 92 -10.21 13.68 -9.94
CA LEU A 92 -10.14 12.27 -10.33
C LEU A 92 -10.50 12.03 -11.81
N THR A 93 -11.62 12.60 -12.26
CA THR A 93 -12.15 12.30 -13.58
C THR A 93 -11.36 12.85 -14.72
N GLU A 94 -10.59 13.92 -14.50
CA GLU A 94 -9.68 14.37 -15.50
C GLU A 94 -8.59 13.36 -15.82
N PHE A 95 -8.18 12.53 -14.84
CA PHE A 95 -7.26 11.40 -15.13
C PHE A 95 -8.03 10.24 -15.78
N THR A 96 -9.05 9.74 -15.09
CA THR A 96 -9.70 8.49 -15.49
C THR A 96 -10.38 8.58 -16.86
N HIS A 97 -11.00 9.69 -17.17
CA HIS A 97 -11.69 9.84 -18.45
C HIS A 97 -10.74 10.01 -19.63
N ALA A 98 -9.50 10.45 -19.35
CA ALA A 98 -8.44 10.46 -20.33
C ALA A 98 -7.74 9.07 -20.44
N GLY A 99 -8.15 8.09 -19.65
CA GLY A 99 -7.56 6.75 -19.70
C GLY A 99 -6.36 6.52 -18.78
N VAL A 100 -6.01 7.49 -17.95
CA VAL A 100 -4.93 7.35 -16.98
C VAL A 100 -5.38 6.63 -15.70
N THR A 101 -4.93 5.40 -15.51
CA THR A 101 -5.26 4.59 -14.37
C THR A 101 -4.13 4.66 -13.33
N THR A 102 -2.96 5.12 -13.71
CA THR A 102 -1.86 5.37 -12.75
C THR A 102 -1.24 6.72 -13.03
N VAL A 103 -1.04 7.49 -11.97
CA VAL A 103 -0.48 8.80 -12.06
C VAL A 103 0.71 8.94 -11.09
N VAL A 104 1.73 9.69 -11.54
CA VAL A 104 2.87 10.04 -10.69
C VAL A 104 2.95 11.55 -10.63
N GLY A 105 2.64 12.08 -9.46
CA GLY A 105 2.59 13.53 -9.27
C GLY A 105 3.93 14.15 -9.00
N LEU A 106 4.06 15.44 -9.25
CA LEU A 106 5.23 16.19 -8.88
C LEU A 106 4.92 17.67 -8.75
N LEU A 107 5.81 18.35 -8.02
CA LEU A 107 5.93 19.77 -8.02
C LEU A 107 6.85 20.19 -9.13
N GLY A 108 6.63 21.40 -9.62
CA GLY A 108 7.49 21.97 -10.63
C GLY A 108 8.18 23.23 -10.17
N THR A 109 7.93 24.32 -10.89
CA THR A 109 8.61 25.57 -10.65
C THR A 109 8.33 26.09 -9.25
N ASP A 110 7.07 26.05 -8.83
CA ASP A 110 6.71 26.53 -7.51
C ASP A 110 6.80 25.35 -6.55
N ASP A 111 8.00 25.19 -6.04
CA ASP A 111 8.26 24.30 -4.95
C ASP A 111 8.62 25.12 -3.73
N THR A 112 8.16 26.38 -3.70
CA THR A 112 8.32 27.31 -2.57
C THR A 112 7.02 27.52 -1.78
N THR A 113 5.92 27.80 -2.46
CA THR A 113 4.60 27.89 -1.78
C THR A 113 3.92 26.54 -1.55
N ARG A 114 4.30 25.56 -2.35
CA ARG A 114 3.76 24.20 -2.26
C ARG A 114 4.79 23.33 -1.60
N SER A 115 4.34 22.26 -0.96
CA SER A 115 5.23 21.32 -0.29
C SER A 115 5.03 19.88 -0.73
N THR A 116 6.03 19.06 -0.45
CA THR A 116 5.92 17.63 -0.64
C THR A 116 4.80 17.02 0.22
N GLU A 117 4.54 17.63 1.38
CA GLU A 117 3.39 17.28 2.23
C GLU A 117 2.11 17.43 1.44
N ASN A 118 1.94 18.56 0.73
CA ASN A 118 0.76 18.80 -0.09
C ASN A 118 0.66 17.70 -1.14
N LEU A 119 1.80 17.39 -1.75
CA LEU A 119 1.86 16.49 -2.88
C LEU A 119 1.48 15.04 -2.43
N LEU A 120 2.14 14.56 -1.42
CA LEU A 120 1.88 13.24 -0.92
C LEU A 120 0.46 13.12 -0.40
N SER A 121 -0.06 14.13 0.28
CA SER A 121 -1.50 14.05 0.70
C SER A 121 -2.42 13.84 -0.49
N ARG A 122 -2.15 14.56 -1.59
CA ARG A 122 -3.02 14.40 -2.75
C ARG A 122 -2.87 13.01 -3.37
N VAL A 123 -1.66 12.47 -3.31
CA VAL A 123 -1.45 11.09 -3.74
C VAL A 123 -2.41 10.17 -2.97
N TYR A 124 -2.41 10.29 -1.63
CA TYR A 124 -3.27 9.41 -0.84
C TYR A 124 -4.76 9.66 -1.08
N GLY A 125 -5.11 10.92 -1.31
CA GLY A 125 -6.44 11.26 -1.79
C GLY A 125 -6.87 10.46 -3.02
N LEU A 126 -6.04 10.45 -4.03
CA LEU A 126 -6.35 9.79 -5.26
C LEU A 126 -6.45 8.29 -5.04
N ARG A 127 -5.60 7.74 -4.18
CA ARG A 127 -5.67 6.32 -3.78
C ARG A 127 -6.99 5.96 -3.09
N GLU A 128 -7.50 6.84 -2.23
CA GLU A 128 -8.78 6.58 -1.54
C GLU A 128 -9.93 6.61 -2.56
N GLU A 129 -9.79 7.40 -3.62
CA GLU A 129 -10.83 7.53 -4.65
C GLU A 129 -10.76 6.42 -5.71
N GLY A 130 -9.74 5.55 -5.61
CA GLY A 130 -9.60 4.31 -6.41
C GLY A 130 -8.53 4.39 -7.52
N LEU A 131 -7.84 5.53 -7.63
CA LEU A 131 -6.73 5.64 -8.62
C LEU A 131 -5.41 5.11 -8.03
N SER A 132 -4.54 4.51 -8.85
CA SER A 132 -3.20 4.14 -8.43
C SER A 132 -2.36 5.39 -8.58
N ALA A 133 -1.62 5.78 -7.55
CA ALA A 133 -0.89 7.06 -7.55
C ALA A 133 0.41 6.94 -6.80
N TYR A 134 1.42 7.61 -7.29
CA TYR A 134 2.75 7.67 -6.69
C TYR A 134 3.22 9.10 -6.86
N CYS A 135 4.42 9.40 -6.42
CA CYS A 135 4.96 10.74 -6.65
C CYS A 135 6.48 10.78 -6.63
N TRP A 136 6.99 11.93 -7.06
CA TRP A 136 8.39 12.26 -6.99
C TRP A 136 8.59 13.25 -5.88
N THR A 137 9.67 13.12 -5.13
CA THR A 137 9.99 14.15 -4.17
C THR A 137 10.92 15.13 -4.84
N GLY A 138 11.19 16.23 -4.19
CA GLY A 138 12.23 17.15 -4.64
C GLY A 138 11.83 18.43 -5.28
N GLY A 139 11.20 18.38 -6.47
CA GLY A 139 10.92 19.60 -7.31
C GLY A 139 12.00 20.14 -8.24
N TYR A 140 11.82 21.37 -8.79
CA TYR A 140 12.80 22.01 -9.71
C TYR A 140 14.11 22.27 -9.06
N HIS A 141 14.07 22.63 -7.75
CA HIS A 141 15.11 23.42 -7.20
C HIS A 141 16.00 22.65 -6.23
N PHE A 142 17.19 23.23 -6.05
CA PHE A 142 18.21 22.73 -5.17
C PHE A 142 18.55 23.84 -4.20
N PRO A 143 18.58 23.54 -2.89
CA PRO A 143 18.30 22.24 -2.27
C PRO A 143 16.86 21.78 -2.45
N LEU A 144 16.63 20.47 -2.25
CA LEU A 144 15.34 19.89 -2.57
C LEU A 144 14.25 20.19 -1.56
N THR A 145 13.02 20.32 -2.06
CA THR A 145 11.83 20.24 -1.24
C THR A 145 11.47 18.81 -0.95
N THR A 146 11.53 18.44 0.33
CA THR A 146 11.26 17.11 0.83
C THR A 146 10.44 17.15 2.12
N ILE A 147 10.00 15.98 2.57
CA ILE A 147 9.29 15.84 3.82
C ILE A 147 10.26 15.66 4.98
N THR A 148 11.20 14.73 4.83
CA THR A 148 12.07 14.30 5.90
C THR A 148 13.41 15.01 5.88
N GLY A 149 13.68 15.86 4.89
CA GLY A 149 14.94 16.54 4.87
C GLY A 149 15.89 15.99 3.83
N SER A 150 15.67 14.77 3.32
CA SER A 150 16.54 14.30 2.23
C SER A 150 15.79 13.44 1.20
N ALA A 151 16.19 13.49 -0.07
CA ALA A 151 15.61 12.61 -1.08
C ALA A 151 15.68 11.11 -0.72
N LYS A 152 16.82 10.74 -0.18
CA LYS A 152 17.10 9.41 0.25
C LYS A 152 16.12 8.88 1.28
N SER A 153 15.90 9.66 2.33
CA SER A 153 14.93 9.31 3.39
C SER A 153 13.52 9.34 2.84
N ASP A 154 13.18 10.36 2.05
CA ASP A 154 11.85 10.39 1.48
C ASP A 154 11.58 9.12 0.66
N ILE A 155 12.52 8.70 -0.19
CA ILE A 155 12.24 7.55 -1.09
C ILE A 155 12.21 6.23 -0.29
N ALA A 156 13.12 6.14 0.71
CA ALA A 156 13.18 4.96 1.58
C ALA A 156 11.92 4.72 2.40
N PHE A 157 11.35 5.78 2.97
CA PHE A 157 10.36 5.61 4.05
C PHE A 157 8.91 5.98 3.70
N LEU A 158 8.73 6.75 2.62
CA LEU A 158 7.41 7.10 2.10
C LEU A 158 7.03 6.22 0.90
N GLU A 159 6.15 5.24 1.09
CA GLU A 159 5.95 4.20 0.08
C GLU A 159 5.68 4.74 -1.37
N PRO A 160 4.78 5.75 -1.51
CA PRO A 160 4.46 6.24 -2.85
C PRO A 160 5.54 7.03 -3.56
N VAL A 161 6.63 7.41 -2.88
CA VAL A 161 7.63 8.29 -3.49
C VAL A 161 8.66 7.42 -4.17
N ILE A 162 8.85 7.61 -5.47
CA ILE A 162 9.68 6.67 -6.28
C ILE A 162 10.99 7.22 -6.76
N GLY A 163 11.19 8.50 -6.57
CA GLY A 163 12.33 9.15 -7.18
C GLY A 163 12.34 10.60 -6.92
N ILE A 164 13.20 11.28 -7.66
CA ILE A 164 13.34 12.74 -7.55
C ILE A 164 12.77 13.36 -8.79
N GLY A 165 11.94 14.37 -8.64
CA GLY A 165 11.29 14.79 -9.81
C GLY A 165 10.74 16.16 -9.86
N GLU A 166 10.59 16.40 -11.15
CA GLU A 166 10.88 17.46 -12.02
C GLU A 166 12.01 18.37 -11.57
N PHE A 167 13.22 17.78 -11.54
CA PHE A 167 14.41 18.53 -11.19
C PHE A 167 15.00 19.26 -12.39
N ALA A 168 15.13 20.59 -12.31
CA ALA A 168 15.37 21.40 -13.52
C ALA A 168 16.84 21.51 -13.93
N ILE A 169 17.15 21.23 -15.20
CA ILE A 169 18.43 21.65 -15.82
C ILE A 169 18.19 22.36 -17.15
N SER A 170 19.17 23.13 -17.58
CA SER A 170 19.10 23.85 -18.82
C SER A 170 17.86 24.72 -18.95
N ASP A 171 17.64 25.51 -17.90
CA ASP A 171 16.42 26.33 -17.82
C ASP A 171 16.70 27.57 -16.98
N HIS A 172 16.12 28.70 -17.41
CA HIS A 172 16.31 29.97 -16.70
C HIS A 172 15.69 29.94 -15.28
N ARG A 173 14.75 29.00 -15.04
CA ARG A 173 14.18 28.83 -13.69
C ARG A 173 14.87 27.77 -12.82
N SER A 174 15.97 27.21 -13.29
CA SER A 174 16.66 26.18 -12.54
C SER A 174 17.46 26.82 -11.46
N SER A 175 18.06 25.95 -10.67
CA SER A 175 18.93 26.34 -9.58
C SER A 175 20.38 26.39 -10.05
N GLN A 176 20.58 26.27 -11.39
CA GLN A 176 21.91 26.29 -12.01
C GLN A 176 22.78 25.28 -11.29
N PRO A 177 22.29 24.06 -11.23
CA PRO A 177 22.98 23.07 -10.44
C PRO A 177 24.28 22.66 -11.09
N THR A 178 25.31 22.44 -10.26
CA THR A 178 26.56 21.90 -10.76
C THR A 178 26.42 20.41 -10.97
N PHE A 179 27.35 19.87 -11.75
CA PHE A 179 27.52 18.47 -11.97
C PHE A 179 27.66 17.66 -10.68
N GLU A 180 28.40 18.19 -9.71
CA GLU A 180 28.59 17.51 -8.43
C GLU A 180 27.28 17.36 -7.71
N GLU A 181 26.46 18.40 -7.73
CA GLU A 181 25.11 18.38 -7.11
C GLU A 181 24.21 17.38 -7.77
N VAL A 182 24.31 17.32 -9.10
CA VAL A 182 23.44 16.44 -9.92
C VAL A 182 23.76 14.96 -9.66
N ILE A 183 25.03 14.60 -9.67
CA ILE A 183 25.42 13.20 -9.44
C ILE A 183 25.23 12.77 -7.99
N ARG A 184 25.31 13.67 -7.03
CA ARG A 184 24.93 13.33 -5.64
C ARG A 184 23.46 13.02 -5.57
N LEU A 185 22.60 13.89 -6.08
CA LEU A 185 21.15 13.53 -6.17
C LEU A 185 20.87 12.19 -6.85
N ALA A 186 21.50 11.95 -7.98
CA ALA A 186 21.28 10.71 -8.69
C ALA A 186 21.73 9.51 -7.87
N SER A 187 22.84 9.66 -7.16
CA SER A 187 23.30 8.62 -6.27
C SER A 187 22.25 8.32 -5.18
N GLU A 188 21.52 9.34 -4.75
CA GLU A 188 20.50 9.14 -3.70
C GLU A 188 19.24 8.43 -4.23
N THR A 189 18.69 8.82 -5.37
CA THR A 189 17.58 8.03 -5.87
C THR A 189 18.01 6.65 -6.23
N HIS A 190 19.13 6.54 -6.92
CA HIS A 190 19.62 5.23 -7.30
C HIS A 190 19.71 4.24 -6.11
N VAL A 191 20.39 4.61 -5.05
CA VAL A 191 20.59 3.71 -3.90
C VAL A 191 19.25 3.45 -3.17
N ALA A 192 18.43 4.49 -3.02
CA ALA A 192 17.09 4.30 -2.41
C ALA A 192 16.22 3.33 -3.24
N GLY A 193 16.42 3.34 -4.55
CA GLY A 193 15.72 2.40 -5.42
C GLY A 193 16.17 0.95 -5.18
N LEU A 194 17.45 0.73 -4.94
CA LEU A 194 17.93 -0.59 -4.54
C LEU A 194 17.35 -1.03 -3.17
N ILE A 195 17.34 -0.10 -2.22
CA ILE A 195 16.83 -0.35 -0.89
C ILE A 195 15.39 -0.75 -0.97
N THR A 196 14.63 -0.03 -1.78
CA THR A 196 13.16 -0.21 -1.82
C THR A 196 12.59 -1.04 -2.95
N GLY A 197 13.33 -1.27 -4.02
CA GLY A 197 12.69 -1.86 -5.25
C GLY A 197 11.87 -0.86 -6.09
N LYS A 198 11.95 0.44 -5.77
CA LYS A 198 11.24 1.50 -6.48
C LYS A 198 12.13 2.07 -7.57
N ALA A 199 11.52 2.89 -8.43
CA ALA A 199 12.17 3.35 -9.65
C ALA A 199 13.60 3.81 -9.41
N GLY A 200 13.80 4.71 -8.43
CA GLY A 200 15.14 5.23 -8.14
C GLY A 200 15.72 5.97 -9.33
N VAL A 201 14.87 6.74 -9.98
CA VAL A 201 15.33 7.62 -11.08
C VAL A 201 15.19 9.07 -10.71
N ILE A 202 15.90 9.88 -11.47
CA ILE A 202 15.73 11.31 -11.35
C ILE A 202 15.18 11.77 -12.66
N HIS A 203 13.97 12.35 -12.58
CA HIS A 203 13.19 12.83 -13.70
C HIS A 203 13.54 14.31 -13.85
N PHE A 204 14.30 14.60 -14.91
CA PHE A 204 14.76 15.93 -15.18
C PHE A 204 13.78 16.77 -16.00
N HIS A 205 13.44 17.95 -15.50
CA HIS A 205 12.83 18.98 -16.36
C HIS A 205 13.93 19.59 -17.21
N LEU A 206 13.69 19.65 -18.52
CA LEU A 206 14.57 20.32 -19.48
C LEU A 206 13.93 21.58 -19.94
N GLY A 207 14.69 22.65 -20.00
CA GLY A 207 14.24 23.88 -20.65
C GLY A 207 15.00 24.09 -21.94
N ASP A 208 15.09 25.35 -22.33
CA ASP A 208 15.56 25.70 -23.67
C ASP A 208 16.99 26.11 -23.70
N GLY A 209 17.71 25.92 -22.58
CA GLY A 209 19.13 26.21 -22.56
C GLY A 209 19.93 25.39 -23.56
N GLU A 210 20.93 26.04 -24.16
CA GLU A 210 21.78 25.40 -25.20
C GLU A 210 22.76 24.35 -24.68
N ARG A 211 23.01 24.29 -23.38
CA ARG A 211 23.76 23.18 -22.78
C ARG A 211 22.94 21.88 -22.80
N ARG A 212 21.62 21.95 -23.02
CA ARG A 212 20.82 20.74 -23.28
C ARG A 212 21.08 19.67 -22.22
N LEU A 213 21.56 18.47 -22.60
CA LEU A 213 21.78 17.35 -21.71
C LEU A 213 23.23 17.15 -21.29
N GLU A 214 24.06 18.18 -21.31
CA GLU A 214 25.50 18.02 -20.97
C GLU A 214 25.76 17.28 -19.62
N LEU A 215 24.98 17.67 -18.61
CA LEU A 215 25.15 17.16 -17.25
C LEU A 215 24.93 15.65 -17.22
N ILE A 216 23.84 15.23 -17.89
CA ILE A 216 23.49 13.82 -17.95
C ILE A 216 24.51 13.06 -18.79
N GLU A 217 24.85 13.59 -19.97
CA GLU A 217 25.89 12.98 -20.81
C GLU A 217 27.20 12.80 -20.00
N ARG A 218 27.61 13.84 -19.30
CA ARG A 218 28.83 13.78 -18.50
C ARG A 218 28.77 12.77 -17.33
N ALA A 219 27.62 12.69 -16.67
CA ALA A 219 27.43 11.80 -15.53
C ALA A 219 27.57 10.38 -15.99
N ILE A 220 26.90 10.07 -17.08
CA ILE A 220 26.93 8.72 -17.60
C ILE A 220 28.35 8.35 -18.06
N ARG A 221 29.06 9.31 -18.64
CA ARG A 221 30.38 9.06 -19.18
C ARG A 221 31.41 8.94 -18.08
N GLU A 222 31.32 9.80 -17.08
CA GLU A 222 32.42 9.96 -16.12
C GLU A 222 32.27 9.03 -14.89
N THR A 223 31.10 8.41 -14.74
CA THR A 223 30.61 7.91 -13.43
C THR A 223 30.08 6.43 -13.58
N GLU A 224 29.91 5.71 -12.47
CA GLU A 224 29.41 4.34 -12.59
C GLU A 224 27.87 4.34 -12.56
N LEU A 225 27.23 5.50 -12.44
CA LEU A 225 25.76 5.54 -12.37
C LEU A 225 25.11 5.00 -13.62
N PRO A 226 24.22 4.04 -13.47
CA PRO A 226 23.62 3.49 -14.69
C PRO A 226 22.79 4.53 -15.43
N ALA A 227 22.74 4.37 -16.76
CA ALA A 227 22.08 5.36 -17.62
C ALA A 227 20.61 5.53 -17.27
N ARG A 228 19.95 4.44 -16.92
CA ARG A 228 18.50 4.48 -16.66
C ARG A 228 18.11 5.41 -15.53
N VAL A 229 19.06 5.76 -14.65
CA VAL A 229 18.81 6.60 -13.51
C VAL A 229 18.34 7.99 -13.97
N PHE A 230 18.84 8.41 -15.13
CA PHE A 230 18.60 9.76 -15.68
C PHE A 230 17.48 9.75 -16.72
N ASN A 231 16.36 10.41 -16.41
CA ASN A 231 15.16 10.34 -17.20
C ASN A 231 14.69 11.75 -17.55
N PRO A 232 15.19 12.30 -18.67
CA PRO A 232 14.79 13.65 -19.06
C PRO A 232 13.41 13.71 -19.72
N THR A 233 12.69 14.78 -19.45
CA THR A 233 11.38 15.00 -20.01
C THR A 233 11.38 16.30 -20.79
N HIS A 234 10.29 16.55 -21.55
CA HIS A 234 10.09 17.69 -22.43
C HIS A 234 11.06 17.66 -23.59
N VAL A 235 11.53 16.50 -23.93
CA VAL A 235 12.64 16.39 -24.89
C VAL A 235 12.24 16.82 -26.29
N ASN A 236 10.95 16.79 -26.62
CA ASN A 236 10.48 17.40 -27.86
C ASN A 236 10.29 18.94 -27.79
N ARG A 237 10.68 19.63 -26.70
CA ARG A 237 10.33 21.07 -26.57
C ARG A 237 11.03 22.01 -27.54
N ASN A 238 12.24 21.66 -27.93
CA ASN A 238 12.92 22.27 -29.05
C ASN A 238 13.67 21.23 -29.87
N LYS A 239 14.02 21.62 -31.10
CA LYS A 239 14.60 20.69 -32.07
C LYS A 239 16.01 20.22 -31.76
N PRO A 240 16.94 21.17 -31.46
CA PRO A 240 18.25 20.69 -31.06
C PRO A 240 18.23 19.75 -29.85
N LEU A 241 17.27 19.98 -28.90
CA LEU A 241 17.17 19.18 -27.71
C LEU A 241 16.70 17.79 -28.12
N PHE A 242 15.67 17.73 -28.96
CA PHE A 242 15.20 16.46 -29.33
C PHE A 242 16.25 15.62 -30.05
N GLU A 243 17.07 16.25 -30.90
CA GLU A 243 18.17 15.52 -31.55
C GLU A 243 19.13 14.90 -30.52
N ASP A 244 19.50 15.70 -29.52
CA ASP A 244 20.43 15.21 -28.49
C ASP A 244 19.83 14.09 -27.67
N SER A 245 18.50 14.14 -27.49
CA SER A 245 17.78 13.16 -26.68
C SER A 245 17.70 11.84 -27.42
N CYS A 246 17.53 11.91 -28.73
CA CYS A 246 17.58 10.73 -29.59
C CYS A 246 18.93 10.02 -29.49
N LYS A 247 20.00 10.83 -29.48
CA LYS A 247 21.35 10.33 -29.32
C LYS A 247 21.52 9.77 -27.94
N LEU A 248 20.85 10.40 -26.97
CA LEU A 248 20.99 9.90 -25.64
C LEU A 248 20.52 8.45 -25.55
N LEU A 249 19.58 8.03 -26.39
CA LEU A 249 19.00 6.68 -26.30
C LEU A 249 19.98 5.57 -26.38
N SER A 250 21.07 5.76 -27.10
CA SER A 250 22.00 4.66 -27.27
C SER A 250 22.85 4.40 -26.01
N LYS A 251 22.80 5.29 -25.02
CA LYS A 251 23.44 5.00 -23.72
C LYS A 251 22.58 4.11 -22.83
N GLY A 252 21.28 3.98 -23.11
CA GLY A 252 20.37 3.22 -22.21
C GLY A 252 19.29 4.04 -21.48
N CYS A 253 19.30 5.37 -21.60
CA CYS A 253 18.30 6.25 -21.00
C CYS A 253 16.90 6.05 -21.61
N HIS A 254 15.90 6.08 -20.74
CA HIS A 254 14.55 6.35 -21.15
C HIS A 254 14.40 7.86 -21.34
N ILE A 255 13.63 8.30 -22.32
CA ILE A 255 13.37 9.71 -22.57
C ILE A 255 11.89 9.89 -22.71
N ASP A 256 11.43 11.08 -22.33
CA ASP A 256 10.03 11.30 -22.11
C ASP A 256 9.60 12.53 -22.90
N LEU A 257 8.64 12.31 -23.77
CA LEU A 257 8.03 13.38 -24.54
C LEU A 257 6.86 13.96 -23.77
N THR A 258 6.63 15.25 -23.99
CA THR A 258 5.46 15.90 -23.42
C THR A 258 4.41 16.02 -24.53
N ALA A 259 3.24 15.47 -24.28
CA ALA A 259 2.10 15.64 -25.15
C ALA A 259 1.49 17.05 -25.01
N PHE A 260 2.10 18.02 -25.67
CA PHE A 260 1.63 19.42 -25.72
C PHE A 260 0.29 19.46 -26.40
N PRO A 261 -0.65 20.28 -25.88
CA PRO A 261 -1.91 20.51 -26.63
C PRO A 261 -1.64 20.81 -28.12
N ALA A 262 -2.40 20.19 -29.05
CA ALA A 262 -2.10 20.29 -30.50
C ALA A 262 -1.95 21.76 -30.93
N GLY A 263 -1.01 22.00 -31.85
CA GLY A 263 -0.64 23.37 -32.30
C GLY A 263 0.00 24.32 -31.28
N THR A 264 0.59 23.80 -30.21
CA THR A 264 1.30 24.61 -29.17
C THR A 264 2.80 24.19 -28.92
N ALA A 265 3.26 23.13 -29.63
CA ALA A 265 4.62 22.54 -29.56
C ALA A 265 5.79 23.48 -29.88
N GLN A 266 5.47 24.76 -30.11
CA GLN A 266 6.34 25.83 -29.64
C GLN A 266 7.21 25.89 -30.87
N PRO A 267 8.57 26.04 -30.72
CA PRO A 267 9.45 25.73 -31.87
C PRO A 267 10.04 24.29 -31.82
N GLY A 268 9.46 23.40 -31.03
CA GLY A 268 9.91 21.98 -31.02
C GLY A 268 9.03 21.13 -31.90
N TRP A 269 8.87 19.86 -31.54
CA TRP A 269 8.04 18.94 -32.29
C TRP A 269 6.78 18.62 -31.51
N GLU A 270 5.64 18.53 -32.21
CA GLU A 270 4.42 17.94 -31.61
C GLU A 270 4.88 16.54 -31.23
N ALA A 271 4.31 15.97 -30.19
CA ALA A 271 4.72 14.65 -29.77
C ALA A 271 4.48 13.66 -30.86
N CYS A 272 3.39 13.82 -31.63
CA CYS A 272 3.07 12.86 -32.70
C CYS A 272 4.10 12.86 -33.79
N ASP A 273 4.62 14.05 -34.16
CA ASP A 273 5.73 14.12 -35.11
C ASP A 273 7.05 13.57 -34.55
N ALA A 274 7.30 13.72 -33.26
CA ALA A 274 8.56 13.24 -32.68
C ALA A 274 8.55 11.72 -32.64
N ILE A 275 7.41 11.17 -32.33
CA ILE A 275 7.20 9.73 -32.35
C ILE A 275 7.44 9.17 -33.75
N GLU A 276 6.83 9.76 -34.77
CA GLU A 276 7.02 9.30 -36.16
C GLU A 276 8.50 9.31 -36.60
N MET A 277 9.17 10.42 -36.30
CA MET A 277 10.60 10.53 -36.48
C MET A 277 11.39 9.39 -35.77
N ALA A 278 11.03 9.05 -34.54
CA ALA A 278 11.74 8.03 -33.81
C ALA A 278 11.59 6.65 -34.45
N VAL A 279 10.41 6.43 -35.03
CA VAL A 279 10.06 5.20 -35.69
C VAL A 279 10.84 5.13 -36.96
N GLU A 280 10.75 6.15 -37.78
CA GLU A 280 11.50 6.17 -39.02
C GLU A 280 12.95 5.91 -38.76
N ARG A 281 13.48 6.52 -37.73
CA ARG A 281 14.91 6.47 -37.52
C ARG A 281 15.40 5.17 -36.88
N GLN A 282 14.52 4.23 -36.59
CA GLN A 282 14.94 2.97 -35.98
C GLN A 282 15.49 3.14 -34.55
N LEU A 283 15.00 4.12 -33.83
CA LEU A 283 15.46 4.30 -32.45
C LEU A 283 14.84 3.24 -31.54
N PRO A 284 15.45 2.97 -30.36
CA PRO A 284 14.85 1.92 -29.47
C PRO A 284 13.59 2.44 -28.77
N LEU A 285 12.45 2.05 -29.31
CA LEU A 285 11.13 2.63 -29.01
C LEU A 285 10.70 2.30 -27.60
N GLU A 286 11.25 1.21 -27.05
CA GLU A 286 10.94 0.80 -25.70
C GLU A 286 11.50 1.77 -24.65
N GLN A 287 12.41 2.66 -25.07
CA GLN A 287 13.02 3.67 -24.20
C GLN A 287 12.33 5.02 -24.30
N ILE A 288 11.21 5.09 -25.01
CA ILE A 288 10.51 6.35 -25.21
C ILE A 288 9.17 6.29 -24.49
N THR A 289 8.83 7.33 -23.75
CA THR A 289 7.56 7.40 -23.02
C THR A 289 6.87 8.72 -23.37
N LEU A 290 5.60 8.80 -22.99
CA LEU A 290 4.81 10.02 -23.19
C LEU A 290 4.05 10.36 -21.91
N SER A 291 4.09 11.65 -21.54
CA SER A 291 3.38 12.15 -20.35
C SER A 291 2.61 13.43 -20.71
N SER A 292 1.62 13.79 -19.89
CA SER A 292 0.66 14.84 -20.23
C SER A 292 1.12 16.21 -19.71
N ASP A 293 1.84 16.23 -18.60
CA ASP A 293 2.02 17.47 -17.86
C ASP A 293 0.70 18.06 -17.34
N GLY A 294 -0.26 17.19 -16.99
CA GLY A 294 -1.55 17.62 -16.47
C GLY A 294 -1.49 18.48 -15.23
N GLY A 295 -2.27 19.56 -15.26
CA GLY A 295 -2.25 20.56 -14.21
C GLY A 295 -1.10 21.58 -14.27
N GLY A 296 -0.16 21.42 -15.20
CA GLY A 296 0.96 22.32 -15.35
C GLY A 296 0.51 23.50 -16.18
N CYS A 297 1.24 24.61 -16.05
CA CYS A 297 1.14 25.70 -17.02
C CYS A 297 2.29 25.52 -18.02
N LEU A 298 2.04 25.90 -19.27
CA LEU A 298 3.02 25.82 -20.37
C LEU A 298 3.34 27.27 -20.86
N PRO A 299 4.41 27.90 -20.29
CA PRO A 299 4.66 29.35 -20.53
C PRO A 299 5.27 29.78 -21.90
N CYS A 300 4.83 30.97 -22.36
CA CYS A 300 4.99 31.49 -23.74
C CYS A 300 6.40 31.34 -24.35
N MET A 310 1.16 31.19 -20.23
CA MET A 310 -0.13 30.66 -19.81
C MET A 310 -0.81 29.87 -20.94
N ASP A 311 -1.06 28.59 -20.70
CA ASP A 311 -1.44 27.60 -21.70
C ASP A 311 -1.38 26.32 -20.84
N PHE A 312 -2.49 25.63 -20.61
CA PHE A 312 -2.55 24.59 -19.52
C PHE A 312 -2.51 23.09 -19.94
N GLY A 313 -1.72 22.31 -19.21
CA GLY A 313 -1.52 20.89 -19.49
C GLY A 313 -2.72 20.11 -19.02
N ARG A 314 -3.09 19.03 -19.73
CA ARG A 314 -4.23 18.20 -19.33
C ARG A 314 -4.06 16.77 -19.79
N ALA A 315 -4.59 15.85 -19.02
CA ALA A 315 -4.31 14.43 -19.22
C ALA A 315 -4.91 13.89 -20.54
N SER A 316 -5.98 14.52 -21.02
CA SER A 316 -6.61 14.14 -22.29
C SER A 316 -5.70 14.28 -23.51
N THR A 317 -4.61 15.05 -23.46
CA THR A 317 -3.67 15.10 -24.62
C THR A 317 -2.96 13.79 -24.88
N LEU A 318 -2.97 12.86 -23.91
CA LEU A 318 -2.35 11.56 -24.25
C LEU A 318 -3.16 10.84 -25.34
N GLY A 319 -4.47 10.71 -25.11
CA GLY A 319 -5.40 10.21 -26.08
C GLY A 319 -5.22 10.87 -27.42
N GLU A 320 -5.23 12.20 -27.46
CA GLU A 320 -5.17 12.95 -28.73
C GLU A 320 -3.84 12.73 -29.46
N THR A 321 -2.71 12.65 -28.72
CA THR A 321 -1.43 12.37 -29.33
C THR A 321 -1.48 10.98 -30.00
N LEU A 322 -2.11 10.03 -29.33
CA LEU A 322 -2.23 8.68 -29.83
C LEU A 322 -3.08 8.65 -31.09
N VAL A 323 -4.19 9.37 -31.11
CA VAL A 323 -5.06 9.45 -32.29
C VAL A 323 -4.28 10.05 -33.47
N ALA A 324 -3.47 11.08 -33.18
CA ALA A 324 -2.71 11.78 -34.20
C ALA A 324 -1.61 10.89 -34.78
N THR A 325 -1.02 10.00 -33.97
CA THR A 325 -0.01 9.11 -34.53
C THR A 325 -0.67 8.04 -35.40
N LEU A 326 -1.77 7.47 -34.93
CA LEU A 326 -2.50 6.48 -35.70
C LEU A 326 -2.98 7.02 -37.04
N ASN A 327 -3.58 8.19 -36.99
CA ASN A 327 -3.96 8.92 -38.18
C ASN A 327 -2.80 9.19 -39.20
N LYS A 328 -1.54 9.05 -38.82
CA LYS A 328 -0.41 9.10 -39.76
C LYS A 328 -0.12 7.74 -40.39
N GLY A 329 -0.79 6.66 -40.01
CA GLY A 329 -0.38 5.33 -40.47
C GLY A 329 0.54 4.56 -39.51
N LEU A 330 0.86 5.08 -38.33
CA LEU A 330 1.51 4.20 -37.35
C LEU A 330 0.47 3.26 -36.71
N SER A 331 0.90 2.03 -36.46
CA SER A 331 0.07 1.00 -35.84
C SER A 331 -0.03 1.24 -34.37
N LEU A 332 -1.15 0.82 -33.82
CA LEU A 332 -1.38 0.93 -32.38
C LEU A 332 -0.30 0.25 -31.53
N GLU A 333 0.09 -0.96 -31.89
CA GLU A 333 1.16 -1.66 -31.18
C GLU A 333 2.50 -0.97 -31.14
N THR A 334 2.78 -0.12 -32.10
CA THR A 334 4.07 0.58 -32.13
C THR A 334 4.14 1.70 -31.08
N VAL A 335 3.01 2.39 -30.91
CA VAL A 335 2.93 3.62 -30.11
C VAL A 335 2.38 3.40 -28.69
N LEU A 336 1.38 2.53 -28.55
CA LEU A 336 0.81 2.20 -27.22
C LEU A 336 1.81 1.91 -26.05
N PRO A 337 2.95 1.21 -26.30
CA PRO A 337 3.92 1.01 -25.20
C PRO A 337 4.47 2.30 -24.64
N MET A 338 4.46 3.35 -25.44
CA MET A 338 4.88 4.64 -24.96
C MET A 338 4.04 5.19 -23.82
N LEU A 339 2.82 4.72 -23.67
CA LEU A 339 1.91 5.20 -22.63
C LEU A 339 1.66 4.19 -21.53
N THR A 340 2.27 3.02 -21.67
CA THR A 340 1.87 1.81 -20.90
C THR A 340 3.10 1.06 -20.46
N SER A 341 3.43 -0.05 -21.12
CA SER A 341 4.56 -0.87 -20.72
C SER A 341 5.93 -0.12 -20.71
N ASN A 342 6.20 0.82 -21.60
CA ASN A 342 7.51 1.51 -21.49
C ASN A 342 7.66 2.22 -20.13
N VAL A 343 6.56 2.80 -19.64
CA VAL A 343 6.59 3.61 -18.40
C VAL A 343 6.68 2.68 -17.25
N ALA A 344 5.90 1.61 -17.25
CA ALA A 344 6.03 0.60 -16.19
C ALA A 344 7.45 0.03 -16.05
N ASN A 345 8.15 -0.09 -17.16
CA ASN A 345 9.47 -0.64 -17.19
C ASN A 345 10.48 0.23 -16.44
N ILE A 346 10.53 1.53 -16.76
CA ILE A 346 11.52 2.46 -16.18
C ILE A 346 11.17 2.79 -14.71
N LEU A 347 9.88 2.91 -14.43
CA LEU A 347 9.43 3.14 -13.10
C LEU A 347 9.29 1.90 -12.22
N ARG A 348 9.54 0.69 -12.75
CA ARG A 348 9.51 -0.55 -11.94
C ARG A 348 8.16 -0.80 -11.32
N PHE A 349 7.11 -0.55 -12.08
CA PHE A 349 5.78 -0.89 -11.66
C PHE A 349 5.51 -2.31 -12.23
N LYS A 350 5.90 -3.33 -11.49
CA LYS A 350 5.95 -4.68 -12.00
C LYS A 350 4.58 -5.25 -12.36
N ASN A 351 3.50 -4.70 -11.76
CA ASN A 351 2.14 -5.14 -12.02
C ASN A 351 1.32 -4.25 -12.92
N LYS A 352 1.95 -3.33 -13.65
CA LYS A 352 1.20 -2.36 -14.45
C LYS A 352 1.71 -2.44 -15.86
N GLY A 353 0.97 -1.80 -16.76
CA GLY A 353 1.45 -1.51 -18.10
C GLY A 353 1.30 -2.65 -19.10
N GLN A 354 0.65 -3.74 -18.72
CA GLN A 354 0.49 -4.92 -19.58
C GLN A 354 -0.81 -5.64 -19.29
N ILE A 355 -1.46 -6.12 -20.35
CA ILE A 355 -2.64 -6.97 -20.17
C ILE A 355 -2.11 -8.39 -20.16
N ALA A 356 -1.78 -8.90 -18.99
CA ALA A 356 -1.26 -10.28 -18.80
C ALA A 356 -1.68 -10.83 -17.42
N VAL A 357 -1.78 -12.16 -17.30
CA VAL A 357 -2.27 -12.83 -16.09
C VAL A 357 -1.33 -12.49 -14.93
N GLY A 358 -1.89 -12.11 -13.78
CA GLY A 358 -1.07 -11.69 -12.64
C GLY A 358 -0.85 -10.19 -12.51
N PHE A 359 -1.16 -9.41 -13.53
CA PHE A 359 -1.02 -7.94 -13.49
C PHE A 359 -2.30 -7.32 -12.98
N ASP A 360 -2.22 -6.04 -12.60
CA ASP A 360 -3.37 -5.36 -12.08
C ASP A 360 -4.33 -5.11 -13.19
N ALA A 361 -5.61 -5.02 -12.81
CA ALA A 361 -6.69 -4.97 -13.78
C ALA A 361 -6.95 -3.51 -14.00
N ASP A 362 -6.00 -2.89 -14.70
CA ASP A 362 -6.07 -1.50 -15.13
C ASP A 362 -6.18 -1.54 -16.63
N LEU A 363 -7.34 -1.18 -17.15
CA LEU A 363 -7.50 -1.30 -18.57
C LEU A 363 -8.54 -0.38 -19.16
N LEU A 364 -8.39 -0.12 -20.46
CA LEU A 364 -9.29 0.72 -21.25
C LEU A 364 -9.92 -0.04 -22.43
N VAL A 365 -11.12 0.34 -22.79
CA VAL A 365 -11.71 -0.14 -24.00
C VAL A 365 -11.89 1.06 -24.94
N MET A 366 -11.55 0.89 -26.22
CA MET A 366 -11.76 1.93 -27.22
C MET A 366 -12.65 1.42 -28.36
N ASN A 367 -13.26 2.37 -29.06
CA ASN A 367 -14.05 2.12 -30.25
C ASN A 367 -13.17 2.29 -31.50
N GLU A 368 -13.77 2.14 -32.67
CA GLU A 368 -13.09 2.16 -33.99
C GLU A 368 -12.32 3.48 -34.26
N LYS A 369 -12.92 4.58 -33.80
CA LYS A 369 -12.31 5.92 -33.77
C LYS A 369 -11.23 6.13 -32.67
N TYR A 370 -10.92 5.12 -31.86
CA TYR A 370 -9.87 5.20 -30.81
C TYR A 370 -10.26 6.16 -29.65
N GLU A 371 -11.54 6.41 -29.45
CA GLU A 371 -12.01 7.18 -28.32
C GLU A 371 -12.28 6.18 -27.17
N ILE A 372 -11.96 6.59 -25.96
CA ILE A 372 -12.00 5.72 -24.81
C ILE A 372 -13.39 5.69 -24.22
N THR A 373 -14.03 4.54 -24.31
CA THR A 373 -15.38 4.39 -23.82
C THR A 373 -15.40 3.76 -22.42
N ASP A 374 -14.48 2.84 -22.13
CA ASP A 374 -14.52 2.22 -20.84
C ASP A 374 -13.12 2.27 -20.20
N VAL A 375 -13.09 2.43 -18.87
CA VAL A 375 -11.90 2.60 -18.05
C VAL A 375 -12.09 1.88 -16.74
N MET A 376 -11.24 0.86 -16.48
CA MET A 376 -11.23 0.10 -15.26
C MET A 376 -9.87 0.33 -14.56
N ALA A 377 -9.92 0.60 -13.26
CA ALA A 377 -8.72 0.74 -12.40
C ALA A 377 -8.86 -0.13 -11.21
N GLN A 378 -7.87 -1.00 -10.99
CA GLN A 378 -7.90 -1.97 -9.88
C GLN A 378 -9.19 -2.80 -9.93
N GLY A 379 -9.61 -3.20 -11.14
CA GLY A 379 -10.80 -4.04 -11.29
C GLY A 379 -12.17 -3.39 -11.08
N VAL A 380 -12.20 -2.06 -10.99
CA VAL A 380 -13.41 -1.29 -10.76
C VAL A 380 -13.60 -0.31 -11.91
N TRP A 381 -14.84 -0.22 -12.42
CA TRP A 381 -15.16 0.62 -13.57
C TRP A 381 -15.29 2.07 -13.15
N HIS A 382 -14.50 2.98 -13.76
CA HIS A 382 -14.62 4.46 -13.52
C HIS A 382 -15.36 5.18 -14.65
N LYS A 383 -15.28 4.59 -15.83
CA LYS A 383 -16.09 4.94 -16.95
C LYS A 383 -16.59 3.65 -17.62
N GLN A 384 -17.82 3.66 -18.12
CA GLN A 384 -18.46 2.49 -18.79
C GLN A 384 -19.47 2.99 -19.85
N ASN A 385 -19.43 2.40 -21.05
CA ASN A 385 -20.20 2.89 -22.20
C ASN A 385 -20.20 4.39 -22.34
N ASN A 386 -19.04 5.02 -22.12
CA ASN A 386 -18.89 6.47 -22.25
C ASN A 386 -19.54 7.31 -21.10
N GLN A 387 -20.00 6.66 -20.04
CA GLN A 387 -20.67 7.30 -18.90
C GLN A 387 -19.73 7.26 -17.69
N THR A 388 -19.58 8.39 -17.03
CA THR A 388 -18.89 8.45 -15.77
C THR A 388 -19.60 7.63 -14.72
N MET A 389 -18.90 6.64 -14.18
CA MET A 389 -19.41 5.83 -13.09
C MET A 389 -18.91 6.33 -11.72
N ILE A 390 -17.68 6.86 -11.69
CA ILE A 390 -17.07 7.31 -10.42
C ILE A 390 -16.54 8.70 -10.64
N LYS A 391 -16.96 9.57 -9.71
CA LYS A 391 -16.61 11.00 -9.68
C LYS A 391 -15.77 11.24 -8.43
N GLY A 392 -14.90 12.24 -8.46
CA GLY A 392 -14.11 12.58 -7.28
C GLY A 392 -14.99 13.29 -6.27
N THR A 393 -14.49 13.41 -5.05
CA THR A 393 -15.29 13.90 -3.95
C THR A 393 -15.86 15.33 -4.18
N PHE A 394 -15.11 16.21 -4.77
CA PHE A 394 -15.57 17.56 -5.01
C PHE A 394 -15.69 17.89 -6.51
N GLU A 395 -16.08 16.93 -7.36
CA GLU A 395 -16.33 17.24 -8.79
C GLU A 395 -17.84 17.42 -9.05
N THR B 6 -2.10 -19.91 -7.15
CA THR B 6 -2.79 -19.37 -8.39
C THR B 6 -3.75 -18.22 -8.07
N MET B 7 -4.50 -17.72 -9.06
CA MET B 7 -5.38 -16.54 -8.88
C MET B 7 -6.78 -16.77 -8.22
N LEU B 8 -7.40 -17.90 -8.51
CA LEU B 8 -8.66 -18.30 -7.89
C LEU B 8 -8.47 -19.60 -7.13
N ILE B 9 -9.00 -19.67 -5.90
CA ILE B 9 -8.87 -20.86 -5.08
C ILE B 9 -10.20 -21.11 -4.42
N LEU B 10 -10.62 -22.37 -4.36
CA LEU B 10 -11.95 -22.71 -3.87
C LEU B 10 -11.77 -23.60 -2.69
N LEU B 11 -12.22 -23.13 -1.53
CA LEU B 11 -12.12 -23.89 -0.29
C LEU B 11 -13.49 -24.53 -0.05
N CYS B 12 -13.56 -25.86 -0.11
CA CYS B 12 -14.81 -26.58 -0.03
C CYS B 12 -14.91 -27.28 1.27
N ASN B 13 -16.13 -27.34 1.76
CA ASN B 13 -16.44 -28.09 2.97
C ASN B 13 -15.62 -27.59 4.15
N VAL B 14 -15.98 -26.42 4.62
CA VAL B 14 -15.23 -25.76 5.66
C VAL B 14 -16.19 -25.22 6.74
N ASN B 15 -15.90 -25.52 8.00
CA ASN B 15 -16.79 -25.13 9.06
C ASN B 15 -16.36 -23.72 9.53
N ILE B 16 -17.08 -22.69 9.06
CA ILE B 16 -16.65 -21.35 9.26
C ILE B 16 -17.02 -20.74 10.60
N TYR B 17 -16.01 -20.17 11.25
CA TYR B 17 -16.19 -19.19 12.32
C TYR B 17 -15.67 -17.87 11.78
N ALA B 18 -16.60 -16.93 11.50
CA ALA B 18 -16.29 -15.75 10.71
C ALA B 18 -15.86 -14.44 11.39
N PRO B 19 -15.68 -14.40 12.72
CA PRO B 19 -15.61 -15.43 13.74
C PRO B 19 -16.94 -16.02 14.17
N ASN B 20 -18.06 -15.41 13.80
CA ASN B 20 -19.38 -15.87 14.25
C ASN B 20 -19.73 -17.14 13.41
N PRO B 21 -20.35 -18.15 14.00
CA PRO B 21 -20.43 -19.47 13.31
C PRO B 21 -21.41 -19.47 12.15
N LEU B 22 -20.96 -19.88 10.98
CA LEU B 22 -21.77 -19.84 9.76
C LEU B 22 -22.09 -21.27 9.33
N GLY B 23 -21.53 -22.27 10.01
CA GLY B 23 -21.66 -23.65 9.59
C GLY B 23 -20.83 -23.94 8.33
N ILE B 24 -21.25 -24.96 7.58
CA ILE B 24 -20.43 -25.52 6.51
C ILE B 24 -20.62 -24.75 5.19
N LYS B 25 -19.51 -24.40 4.58
CA LYS B 25 -19.49 -23.54 3.45
C LYS B 25 -18.45 -23.98 2.48
N ASP B 26 -18.56 -23.43 1.28
CA ASP B 26 -17.49 -23.33 0.34
C ASP B 26 -17.15 -21.88 0.28
N VAL B 27 -15.89 -21.59 -0.01
CA VAL B 27 -15.40 -20.20 -0.03
C VAL B 27 -14.51 -19.99 -1.23
N LEU B 28 -14.82 -18.98 -2.02
CA LEU B 28 -14.04 -18.66 -3.21
C LEU B 28 -13.16 -17.47 -2.91
N ILE B 29 -11.86 -17.63 -3.22
CA ILE B 29 -10.83 -16.61 -3.04
C ILE B 29 -10.40 -16.13 -4.43
N ALA B 30 -10.32 -14.81 -4.59
CA ALA B 30 -9.93 -14.20 -5.81
C ALA B 30 -8.80 -13.24 -5.53
N GLY B 31 -7.61 -13.58 -5.98
CA GLY B 31 -6.46 -12.74 -5.72
C GLY B 31 -6.33 -12.70 -4.20
N ASN B 32 -6.28 -11.50 -3.64
CA ASN B 32 -6.04 -11.38 -2.20
C ASN B 32 -7.32 -11.16 -1.40
N LYS B 33 -8.49 -11.38 -2.04
CA LYS B 33 -9.78 -11.11 -1.46
C LYS B 33 -10.68 -12.34 -1.40
N ILE B 34 -11.61 -12.32 -0.46
CA ILE B 34 -12.68 -13.29 -0.41
C ILE B 34 -13.86 -12.79 -1.31
N ALA B 35 -14.28 -13.62 -2.26
CA ALA B 35 -15.28 -13.22 -3.28
C ALA B 35 -16.66 -13.88 -3.20
N ALA B 36 -16.71 -15.10 -2.68
CA ALA B 36 -17.94 -15.83 -2.47
C ALA B 36 -17.82 -16.74 -1.25
N ILE B 37 -18.92 -16.80 -0.49
CA ILE B 37 -19.15 -17.78 0.59
C ILE B 37 -20.59 -18.30 0.39
N TYR B 38 -20.79 -19.61 0.36
CA TYR B 38 -22.11 -20.17 0.06
C TYR B 38 -22.16 -21.60 0.57
N ASP B 39 -23.39 -22.11 0.63
CA ASP B 39 -23.69 -23.39 1.28
C ASP B 39 -22.98 -24.50 0.55
N HIS B 40 -22.35 -25.37 1.30
CA HIS B 40 -21.52 -26.41 0.70
C HIS B 40 -22.33 -27.28 -0.29
N GLY B 41 -23.32 -27.99 0.22
CA GLY B 41 -24.00 -29.01 -0.60
C GLY B 41 -23.01 -30.00 -1.22
N GLN B 42 -23.54 -30.94 -2.00
CA GLN B 42 -22.71 -31.94 -2.69
C GLN B 42 -23.00 -31.88 -4.21
N GLY B 43 -22.47 -32.80 -4.98
CA GLY B 43 -22.69 -32.79 -6.42
C GLY B 43 -21.64 -31.96 -7.14
N GLU B 44 -21.94 -31.59 -8.37
CA GLU B 44 -20.91 -31.20 -9.34
C GLU B 44 -19.84 -30.12 -8.93
N ILE B 45 -20.20 -28.84 -8.89
CA ILE B 45 -19.25 -27.72 -9.10
C ILE B 45 -18.66 -27.79 -10.52
N THR B 46 -19.26 -27.10 -11.48
CA THR B 46 -18.73 -27.09 -12.85
C THR B 46 -17.94 -25.80 -13.13
N ILE B 47 -16.62 -25.94 -13.17
CA ILE B 47 -15.70 -24.84 -13.36
C ILE B 47 -15.20 -24.83 -14.80
N PRO B 48 -15.23 -23.66 -15.46
CA PRO B 48 -14.65 -23.62 -16.82
C PRO B 48 -13.17 -24.04 -16.90
N LYS B 49 -12.90 -24.75 -17.97
CA LYS B 49 -11.59 -25.30 -18.26
C LYS B 49 -10.58 -24.14 -18.42
N GLN B 50 -11.01 -23.06 -19.06
CA GLN B 50 -10.13 -21.90 -19.33
C GLN B 50 -9.70 -21.08 -18.08
N TRP B 51 -10.44 -21.23 -16.97
CA TRP B 51 -10.26 -20.50 -15.72
C TRP B 51 -9.42 -21.26 -14.74
N PRO B 52 -8.21 -20.77 -14.42
CA PRO B 52 -7.37 -21.51 -13.49
C PRO B 52 -7.86 -21.38 -12.06
N VAL B 53 -8.30 -22.48 -11.44
CA VAL B 53 -8.89 -22.49 -10.10
C VAL B 53 -8.33 -23.69 -9.34
N LYS B 54 -7.61 -23.52 -8.24
CA LYS B 54 -7.28 -24.67 -7.38
C LYS B 54 -8.45 -24.95 -6.49
N VAL B 55 -8.93 -26.19 -6.54
CA VAL B 55 -9.97 -26.67 -5.66
C VAL B 55 -9.31 -27.52 -4.60
N ILE B 56 -9.75 -27.30 -3.33
CA ILE B 56 -9.23 -27.99 -2.15
C ILE B 56 -10.39 -28.35 -1.24
N ASN B 57 -10.45 -29.60 -0.81
CA ASN B 57 -11.51 -30.10 0.07
C ASN B 57 -10.97 -30.23 1.45
N PHE B 58 -11.74 -29.79 2.43
CA PHE B 58 -11.23 -29.71 3.78
C PHE B 58 -12.03 -30.57 4.72
N ASP B 59 -13.00 -31.32 4.21
CA ASP B 59 -13.65 -32.37 4.97
C ASP B 59 -14.30 -31.87 6.30
N GLY B 60 -14.92 -30.70 6.27
CA GLY B 60 -15.55 -30.12 7.45
C GLY B 60 -14.62 -29.41 8.43
N ALA B 61 -13.35 -29.21 8.10
CA ALA B 61 -12.44 -28.67 9.14
C ALA B 61 -12.76 -27.20 9.46
N ILE B 62 -12.49 -26.79 10.70
CA ILE B 62 -12.68 -25.38 11.15
C ILE B 62 -11.87 -24.34 10.37
N LEU B 63 -12.52 -23.24 9.96
CA LEU B 63 -11.85 -22.12 9.30
C LEU B 63 -12.17 -20.83 10.02
N THR B 64 -11.13 -20.03 10.29
CA THR B 64 -11.21 -18.79 11.08
C THR B 64 -10.52 -17.66 10.34
N PRO B 65 -10.79 -16.39 10.71
CA PRO B 65 -9.85 -15.36 10.21
C PRO B 65 -8.43 -15.53 10.82
N GLY B 66 -7.45 -14.95 10.16
CA GLY B 66 -6.13 -14.98 10.68
C GLY B 66 -6.04 -14.05 11.85
N PHE B 67 -5.10 -14.39 12.72
CA PHE B 67 -4.89 -13.64 13.95
C PHE B 67 -4.24 -12.34 13.56
N ILE B 68 -4.72 -11.26 14.17
CA ILE B 68 -4.06 -9.97 14.10
C ILE B 68 -3.36 -9.66 15.44
N ASP B 69 -2.03 -9.61 15.44
CA ASP B 69 -1.21 -9.38 16.70
C ASP B 69 -0.82 -7.93 16.82
N SER B 70 -1.49 -7.21 17.72
CA SER B 70 -1.27 -5.75 17.79
C SER B 70 0.03 -5.37 18.53
N HIS B 71 0.82 -6.35 18.99
CA HIS B 71 1.90 -5.99 19.91
C HIS B 71 3.04 -6.97 19.74
N ALA B 72 3.89 -6.66 18.77
CA ALA B 72 4.99 -7.51 18.40
C ALA B 72 6.24 -6.64 18.19
N HIS B 73 7.33 -7.05 18.81
CA HIS B 73 8.66 -6.49 18.55
C HIS B 73 9.28 -7.15 17.32
N ILE B 74 8.88 -6.67 16.16
CA ILE B 74 9.32 -7.27 14.89
C ILE B 74 10.84 -7.13 14.65
N THR B 75 11.47 -6.10 15.23
CA THR B 75 12.91 -5.89 15.17
C THR B 75 13.62 -6.65 16.29
N GLY B 76 12.83 -7.22 17.20
CA GLY B 76 13.35 -7.72 18.47
C GLY B 76 13.26 -6.65 19.54
N GLY B 77 12.98 -7.09 20.76
CA GLY B 77 13.00 -6.22 21.95
C GLY B 77 14.23 -6.49 22.78
N GLY B 78 14.04 -6.54 24.10
CA GLY B 78 15.15 -6.73 25.03
C GLY B 78 16.07 -5.52 25.13
N GLY B 79 17.32 -5.78 25.48
CA GLY B 79 18.31 -4.72 25.74
C GLY B 79 18.25 -4.18 27.17
N GLN B 80 17.48 -4.84 28.05
CA GLN B 80 17.20 -4.32 29.39
C GLN B 80 18.13 -4.90 30.43
N ALA B 81 18.97 -5.86 30.06
CA ALA B 81 20.01 -6.33 30.98
C ALA B 81 21.32 -6.44 30.25
N GLY B 82 21.69 -5.33 29.60
CA GLY B 82 22.92 -5.19 28.89
C GLY B 82 22.71 -5.32 27.40
N PHE B 83 23.70 -4.83 26.67
CA PHE B 83 23.71 -4.87 25.23
C PHE B 83 23.59 -6.25 24.59
N ALA B 84 24.11 -7.29 25.23
CA ALA B 84 24.00 -8.66 24.67
C ALA B 84 22.57 -9.25 24.72
N THR B 85 21.63 -8.58 25.39
CA THR B 85 20.24 -9.06 25.51
C THR B 85 19.26 -8.45 24.47
N GLN B 86 19.77 -7.82 23.43
CA GLN B 86 18.99 -7.32 22.35
C GLN B 86 18.56 -8.51 21.51
N VAL B 87 17.24 -8.73 21.42
CA VAL B 87 16.72 -9.87 20.70
C VAL B 87 16.92 -9.62 19.21
N PRO B 88 17.29 -10.68 18.44
CA PRO B 88 17.35 -10.49 17.00
C PRO B 88 15.96 -10.35 16.35
N PRO B 89 15.92 -9.89 15.12
CA PRO B 89 14.63 -9.75 14.46
C PRO B 89 13.85 -11.09 14.39
N VAL B 90 12.51 -11.02 14.42
CA VAL B 90 11.64 -12.22 14.46
C VAL B 90 11.34 -12.67 13.05
N GLY B 91 11.63 -13.93 12.75
CA GLY B 91 11.47 -14.42 11.38
C GLY B 91 10.00 -14.53 11.00
N LEU B 92 9.71 -14.39 9.71
CA LEU B 92 8.35 -14.49 9.16
C LEU B 92 7.51 -15.67 9.65
N THR B 93 8.11 -16.87 9.71
CA THR B 93 7.38 -18.06 10.10
C THR B 93 7.00 -18.06 11.57
N GLU B 94 7.69 -17.29 12.40
CA GLU B 94 7.28 -17.21 13.81
C GLU B 94 5.89 -16.64 13.92
N PHE B 95 5.56 -15.76 12.97
CA PHE B 95 4.22 -15.21 12.88
C PHE B 95 3.26 -16.19 12.17
N THR B 96 3.59 -16.61 10.94
CA THR B 96 2.67 -17.42 10.16
C THR B 96 2.38 -18.82 10.70
N HIS B 97 3.38 -19.53 11.22
CA HIS B 97 3.22 -20.88 11.83
C HIS B 97 2.32 -20.75 13.11
N ALA B 98 2.21 -19.55 13.68
CA ALA B 98 1.35 -19.29 14.83
C ALA B 98 -0.03 -18.67 14.44
N GLY B 99 -0.28 -18.51 13.14
CA GLY B 99 -1.55 -17.99 12.64
C GLY B 99 -1.73 -16.48 12.54
N VAL B 100 -0.64 -15.75 12.72
CA VAL B 100 -0.66 -14.30 12.64
C VAL B 100 -0.47 -13.95 11.19
N THR B 101 -1.49 -13.36 10.60
CA THR B 101 -1.43 -12.91 9.23
C THR B 101 -1.29 -11.40 9.11
N THR B 102 -1.60 -10.70 10.19
CA THR B 102 -1.27 -9.29 10.29
C THR B 102 -0.55 -8.97 11.61
N VAL B 103 0.50 -8.18 11.53
CA VAL B 103 1.25 -7.77 12.75
C VAL B 103 1.40 -6.28 12.84
N VAL B 104 1.40 -5.78 14.06
CA VAL B 104 1.63 -4.41 14.29
C VAL B 104 2.84 -4.35 15.19
N GLY B 105 3.95 -3.88 14.62
CA GLY B 105 5.19 -3.78 15.34
C GLY B 105 5.37 -2.55 16.18
N LEU B 106 6.28 -2.67 17.16
CA LEU B 106 6.60 -1.56 18.05
C LEU B 106 7.97 -1.65 18.71
N LEU B 107 8.49 -0.50 19.12
CA LEU B 107 9.60 -0.43 20.05
C LEU B 107 9.08 -0.44 21.48
N GLY B 108 9.90 -1.04 22.35
CA GLY B 108 9.62 -1.11 23.79
C GLY B 108 10.50 -0.18 24.62
N THR B 109 11.11 -0.79 25.64
CA THR B 109 11.94 -0.16 26.60
C THR B 109 13.11 0.44 25.91
N ASP B 110 13.77 -0.31 25.02
CA ASP B 110 14.87 0.29 24.22
C ASP B 110 14.42 1.04 22.94
N ASP B 111 14.13 2.34 23.09
CA ASP B 111 13.92 3.25 21.95
C ASP B 111 15.08 4.27 21.86
N THR B 112 16.27 3.86 22.33
CA THR B 112 17.52 4.62 22.34
C THR B 112 18.53 4.12 21.32
N THR B 113 18.74 2.80 21.27
CA THR B 113 19.63 2.20 20.30
C THR B 113 18.90 1.63 19.11
N ARG B 114 17.57 1.48 19.24
CA ARG B 114 16.70 1.12 18.13
C ARG B 114 15.88 2.36 17.72
N SER B 115 15.51 2.42 16.43
CA SER B 115 14.88 3.60 15.85
C SER B 115 13.63 3.22 15.08
N THR B 116 12.78 4.20 14.84
CA THR B 116 11.57 4.02 14.04
C THR B 116 11.97 3.65 12.60
N GLU B 117 13.09 4.18 12.15
CA GLU B 117 13.65 3.73 10.89
C GLU B 117 13.87 2.20 10.88
N ASN B 118 14.46 1.64 11.96
CA ASN B 118 14.61 0.16 12.05
C ASN B 118 13.24 -0.52 11.95
N LEU B 119 12.27 0.01 12.68
CA LEU B 119 10.98 -0.60 12.80
C LEU B 119 10.25 -0.55 11.48
N LEU B 120 10.09 0.65 10.96
CA LEU B 120 9.45 0.80 9.68
C LEU B 120 10.09 -0.07 8.56
N SER B 121 11.42 -0.12 8.49
CA SER B 121 12.12 -0.99 7.52
C SER B 121 11.72 -2.45 7.64
N ARG B 122 11.60 -2.93 8.87
CA ARG B 122 11.09 -4.28 9.11
C ARG B 122 9.61 -4.50 8.71
N VAL B 123 8.76 -3.52 8.91
CA VAL B 123 7.39 -3.55 8.40
C VAL B 123 7.41 -3.80 6.93
N TYR B 124 8.18 -3.00 6.20
CA TYR B 124 8.28 -3.17 4.76
C TYR B 124 8.93 -4.51 4.36
N GLY B 125 9.89 -4.97 5.16
CA GLY B 125 10.45 -6.29 4.98
C GLY B 125 9.40 -7.39 5.00
N LEU B 126 8.62 -7.40 6.08
CA LEU B 126 7.54 -8.36 6.22
C LEU B 126 6.47 -8.24 5.13
N ARG B 127 6.07 -7.03 4.70
CA ARG B 127 5.22 -6.88 3.51
C ARG B 127 5.78 -7.53 2.27
N GLU B 128 7.10 -7.40 2.05
CA GLU B 128 7.69 -7.99 0.84
C GLU B 128 7.64 -9.50 0.90
N GLU B 129 7.70 -10.06 2.09
CA GLU B 129 7.63 -11.47 2.27
C GLU B 129 6.16 -12.00 2.26
N GLY B 130 5.15 -11.11 2.26
CA GLY B 130 3.73 -11.50 2.10
C GLY B 130 2.85 -11.39 3.37
N LEU B 131 3.45 -10.96 4.48
CA LEU B 131 2.69 -10.72 5.68
C LEU B 131 2.05 -9.29 5.58
N SER B 132 0.90 -9.03 6.21
CA SER B 132 0.41 -7.64 6.32
C SER B 132 1.07 -7.12 7.57
N ALA B 133 1.61 -5.93 7.52
CA ALA B 133 2.36 -5.40 8.68
C ALA B 133 2.16 -3.88 8.76
N TYR B 134 2.06 -3.39 10.00
CA TYR B 134 1.86 -2.00 10.35
C TYR B 134 2.76 -1.75 11.51
N CYS B 135 2.82 -0.53 11.97
CA CYS B 135 3.54 -0.27 13.22
C CYS B 135 3.00 0.92 13.97
N TRP B 136 3.42 0.99 15.22
CA TRP B 136 3.21 2.10 16.11
C TRP B 136 4.51 2.90 16.07
N THR B 137 4.42 4.24 16.11
CA THR B 137 5.59 5.09 16.29
C THR B 137 5.73 5.45 17.77
N GLY B 138 6.80 6.13 18.16
CA GLY B 138 7.17 6.33 19.60
C GLY B 138 7.85 5.11 20.20
N GLY B 139 7.39 4.70 21.35
CA GLY B 139 8.11 3.67 22.10
C GLY B 139 7.82 4.06 23.49
N TYR B 140 8.54 3.48 24.46
CA TYR B 140 8.25 3.77 25.86
C TYR B 140 8.26 5.24 26.18
N HIS B 141 9.20 5.98 25.62
CA HIS B 141 9.67 7.16 26.28
C HIS B 141 9.21 8.44 25.65
N PHE B 142 9.22 9.48 26.46
CA PHE B 142 8.90 10.84 26.06
C PHE B 142 10.19 11.64 26.29
N PRO B 143 10.59 12.52 25.35
CA PRO B 143 10.06 12.77 24.02
C PRO B 143 10.05 11.50 23.14
N LEU B 144 9.12 11.44 22.19
CA LEU B 144 8.93 10.23 21.39
C LEU B 144 10.05 9.96 20.42
N THR B 145 10.29 8.67 20.13
CA THR B 145 11.21 8.29 19.06
C THR B 145 10.39 8.21 17.74
N THR B 146 10.69 9.09 16.79
CA THR B 146 10.02 9.17 15.48
C THR B 146 11.01 9.19 14.27
N ILE B 147 10.45 9.07 13.06
CA ILE B 147 11.16 9.41 11.80
C ILE B 147 11.14 10.95 11.54
N THR B 148 9.95 11.54 11.46
CA THR B 148 9.79 12.93 11.04
C THR B 148 9.97 14.00 12.14
N GLY B 149 9.91 13.63 13.40
CA GLY B 149 10.01 14.58 14.49
C GLY B 149 8.75 14.72 15.29
N SER B 150 7.63 14.17 14.84
CA SER B 150 6.45 14.10 15.66
C SER B 150 5.58 12.91 15.28
N ALA B 151 4.74 12.49 16.22
CA ALA B 151 3.78 11.49 15.97
C ALA B 151 2.73 11.96 14.95
N LYS B 152 2.30 13.19 15.07
CA LYS B 152 1.34 13.73 14.12
C LYS B 152 1.83 13.48 12.70
N SER B 153 3.06 13.88 12.41
CA SER B 153 3.50 13.80 11.00
C SER B 153 3.92 12.40 10.61
N ASP B 154 4.47 11.66 11.55
CA ASP B 154 4.62 10.21 11.35
C ASP B 154 3.33 9.47 10.96
N ILE B 155 2.22 9.72 11.66
CA ILE B 155 0.99 8.97 11.43
C ILE B 155 0.42 9.44 10.11
N ALA B 156 0.56 10.74 9.84
CA ALA B 156 -0.06 11.36 8.67
C ALA B 156 0.56 10.88 7.38
N PHE B 157 1.91 10.82 7.37
CA PHE B 157 2.65 10.61 6.15
C PHE B 157 3.24 9.23 5.93
N LEU B 158 3.35 8.41 6.99
CA LEU B 158 3.95 7.09 6.83
C LEU B 158 2.82 6.11 6.90
N GLU B 159 2.50 5.53 5.76
CA GLU B 159 1.26 4.76 5.65
C GLU B 159 1.12 3.66 6.70
N PRO B 160 2.19 2.89 6.99
CA PRO B 160 2.01 1.78 7.92
C PRO B 160 1.91 2.13 9.38
N VAL B 161 2.16 3.40 9.72
CA VAL B 161 2.12 3.84 11.10
C VAL B 161 0.69 4.21 11.53
N ILE B 162 0.19 3.56 12.58
CA ILE B 162 -1.23 3.69 12.89
C ILE B 162 -1.55 4.42 14.15
N GLY B 163 -0.51 4.65 14.95
CA GLY B 163 -0.72 5.34 16.19
C GLY B 163 0.58 5.42 16.90
N ILE B 164 0.48 5.62 18.21
CA ILE B 164 1.61 5.71 19.09
C ILE B 164 1.59 4.50 20.01
N GLY B 165 2.75 3.87 20.21
CA GLY B 165 2.90 2.75 21.14
C GLY B 165 4.32 2.19 21.15
N GLU B 166 4.70 1.39 22.15
CA GLU B 166 3.94 1.22 23.38
C GLU B 166 4.44 2.20 24.40
N PHE B 167 3.64 3.22 24.68
CA PHE B 167 4.02 4.33 25.53
C PHE B 167 3.83 3.97 27.02
N ALA B 168 4.89 4.06 27.82
CA ALA B 168 4.85 3.50 29.20
C ALA B 168 4.23 4.43 30.20
N ILE B 169 3.27 3.91 30.96
CA ILE B 169 2.78 4.57 32.18
C ILE B 169 2.78 3.55 33.35
N SER B 170 2.87 4.06 34.57
CA SER B 170 2.88 3.23 35.74
C SER B 170 3.95 2.16 35.71
N ASP B 171 5.15 2.56 35.31
CA ASP B 171 6.25 1.60 35.26
C ASP B 171 7.52 2.33 35.66
N HIS B 172 8.40 1.58 36.29
CA HIS B 172 9.69 2.15 36.77
C HIS B 172 10.61 2.57 35.62
N ARG B 173 10.35 2.07 34.39
CA ARG B 173 11.07 2.35 33.17
C ARG B 173 10.39 3.41 32.32
N SER B 174 9.29 3.98 32.78
CA SER B 174 8.61 5.00 32.06
C SER B 174 9.37 6.30 32.13
N SER B 175 8.90 7.30 31.38
CA SER B 175 9.45 8.66 31.42
C SER B 175 8.79 9.53 32.49
N GLN B 176 7.99 8.93 33.36
CA GLN B 176 7.15 9.63 34.34
C GLN B 176 6.40 10.77 33.67
N PRO B 177 5.57 10.42 32.66
CA PRO B 177 4.91 11.46 31.90
C PRO B 177 3.81 12.15 32.69
N THR B 178 3.59 13.43 32.42
CA THR B 178 2.57 14.18 33.09
C THR B 178 1.32 13.93 32.32
N PHE B 179 0.20 14.27 32.93
CA PHE B 179 -1.11 14.22 32.32
C PHE B 179 -1.20 15.09 31.09
N GLU B 180 -0.62 16.28 31.18
CA GLU B 180 -0.57 17.22 30.05
C GLU B 180 0.21 16.60 28.90
N GLU B 181 1.33 15.96 29.21
CA GLU B 181 2.10 15.25 28.20
C GLU B 181 1.25 14.13 27.54
N VAL B 182 0.50 13.39 28.33
CA VAL B 182 -0.26 12.27 27.82
C VAL B 182 -1.40 12.70 26.91
N ILE B 183 -2.17 13.70 27.31
CA ILE B 183 -3.31 14.13 26.49
C ILE B 183 -2.92 14.86 25.25
N ARG B 184 -1.76 15.49 25.28
CA ARG B 184 -1.18 16.09 24.08
C ARG B 184 -0.78 14.98 23.09
N LEU B 185 -0.11 13.94 23.56
CA LEU B 185 0.12 12.78 22.65
C LEU B 185 -1.21 12.20 22.10
N ALA B 186 -2.21 12.08 22.97
CA ALA B 186 -3.48 11.50 22.53
C ALA B 186 -4.19 12.35 21.43
N SER B 187 -4.13 13.66 21.58
CA SER B 187 -4.66 14.56 20.60
C SER B 187 -3.91 14.37 19.29
N GLU B 188 -2.60 14.11 19.38
CA GLU B 188 -1.83 13.93 18.19
C GLU B 188 -2.28 12.70 17.38
N THR B 189 -2.30 11.48 17.95
CA THR B 189 -2.73 10.34 17.19
C THR B 189 -4.15 10.50 16.76
N HIS B 190 -5.00 10.94 17.69
CA HIS B 190 -6.43 11.02 17.39
C HIS B 190 -6.73 11.83 16.14
N VAL B 191 -6.13 13.01 16.04
CA VAL B 191 -6.33 13.86 14.90
C VAL B 191 -5.71 13.24 13.63
N ALA B 192 -4.50 12.73 13.74
CA ALA B 192 -3.90 12.02 12.62
C ALA B 192 -4.76 10.83 12.14
N GLY B 193 -5.46 10.16 13.05
CA GLY B 193 -6.38 9.08 12.72
C GLY B 193 -7.52 9.65 11.90
N LEU B 194 -7.98 10.85 12.24
CA LEU B 194 -9.00 11.50 11.40
C LEU B 194 -8.51 11.84 9.99
N ILE B 195 -7.29 12.34 9.90
CA ILE B 195 -6.74 12.81 8.64
C ILE B 195 -6.56 11.63 7.68
N THR B 196 -6.20 10.48 8.25
CA THR B 196 -5.77 9.34 7.48
C THR B 196 -6.74 8.19 7.44
N GLY B 197 -7.73 8.16 8.32
CA GLY B 197 -8.59 6.97 8.48
C GLY B 197 -7.91 5.83 9.21
N LYS B 198 -6.70 6.04 9.69
CA LYS B 198 -6.02 5.03 10.50
C LYS B 198 -6.50 4.99 11.97
N ALA B 199 -6.05 3.97 12.72
CA ALA B 199 -6.43 3.76 14.12
C ALA B 199 -6.51 5.02 15.04
N GLY B 200 -5.51 5.85 14.99
CA GLY B 200 -5.49 7.05 15.78
C GLY B 200 -5.61 6.78 17.25
N VAL B 201 -4.96 5.70 17.69
CA VAL B 201 -4.94 5.35 19.09
C VAL B 201 -3.56 5.50 19.71
N ILE B 202 -3.55 5.59 21.04
CA ILE B 202 -2.30 5.42 21.80
C ILE B 202 -2.34 4.12 22.61
N HIS B 203 -1.37 3.25 22.34
CA HIS B 203 -1.27 1.90 22.91
C HIS B 203 -0.29 2.03 24.05
N PHE B 204 -0.77 1.92 25.28
CA PHE B 204 0.07 2.12 26.44
C PHE B 204 0.62 0.85 27.02
N HIS B 205 1.91 0.82 27.35
CA HIS B 205 2.47 -0.25 28.17
C HIS B 205 2.06 0.06 29.61
N LEU B 206 1.48 -0.88 30.32
CA LEU B 206 1.22 -0.66 31.73
C LEU B 206 2.26 -1.44 32.47
N GLY B 207 2.83 -0.84 33.51
CA GLY B 207 3.66 -1.54 34.46
C GLY B 207 2.93 -1.92 35.73
N ASP B 208 3.69 -2.08 36.82
CA ASP B 208 3.10 -2.55 38.06
C ASP B 208 2.85 -1.45 39.03
N GLY B 209 3.07 -0.20 38.63
CA GLY B 209 2.76 0.96 39.47
C GLY B 209 1.36 1.02 40.06
N GLU B 210 1.33 1.38 41.32
CA GLU B 210 0.08 1.47 42.04
C GLU B 210 -0.88 2.49 41.41
N ARG B 211 -0.38 3.48 40.68
CA ARG B 211 -1.27 4.46 40.05
C ARG B 211 -2.08 3.89 38.88
N ARG B 212 -1.63 2.76 38.34
CA ARG B 212 -2.38 2.02 37.33
C ARG B 212 -2.86 2.94 36.21
N LEU B 213 -4.16 3.04 36.01
CA LEU B 213 -4.73 3.67 34.85
C LEU B 213 -5.27 5.07 35.16
N GLU B 214 -4.83 5.64 36.25
CA GLU B 214 -5.19 7.00 36.63
C GLU B 214 -5.21 8.05 35.54
N LEU B 215 -4.13 8.10 34.78
CA LEU B 215 -3.99 9.14 33.77
C LEU B 215 -4.98 8.98 32.68
N ILE B 216 -5.29 7.75 32.29
CA ILE B 216 -6.33 7.51 31.27
C ILE B 216 -7.73 7.84 31.81
N GLU B 217 -8.02 7.38 33.02
CA GLU B 217 -9.31 7.67 33.67
C GLU B 217 -9.48 9.19 33.66
N ARG B 218 -8.41 9.90 33.99
CA ARG B 218 -8.49 11.32 34.09
C ARG B 218 -8.69 11.99 32.73
N ALA B 219 -7.99 11.56 31.71
CA ALA B 219 -8.17 12.11 30.35
C ALA B 219 -9.58 11.97 29.87
N ILE B 220 -10.17 10.81 30.16
CA ILE B 220 -11.51 10.49 29.68
C ILE B 220 -12.55 11.34 30.38
N ARG B 221 -12.37 11.55 31.69
CA ARG B 221 -13.25 12.34 32.49
C ARG B 221 -13.13 13.84 32.21
N GLU B 222 -11.92 14.36 32.04
CA GLU B 222 -11.77 15.82 31.98
C GLU B 222 -11.72 16.42 30.60
N THR B 223 -11.32 15.62 29.61
CA THR B 223 -11.19 16.12 28.23
C THR B 223 -12.31 15.58 27.35
N GLU B 224 -12.33 16.07 26.12
CA GLU B 224 -13.25 15.62 25.10
C GLU B 224 -12.71 14.41 24.33
N LEU B 225 -11.49 13.94 24.62
CA LEU B 225 -10.90 12.86 23.82
C LEU B 225 -11.74 11.58 23.99
N PRO B 226 -12.14 10.92 22.87
CA PRO B 226 -12.97 9.70 22.99
C PRO B 226 -12.23 8.56 23.68
N ALA B 227 -12.97 7.74 24.39
CA ALA B 227 -12.38 6.66 25.15
C ALA B 227 -11.55 5.72 24.33
N ARG B 228 -11.95 5.52 23.08
CA ARG B 228 -11.33 4.52 22.24
C ARG B 228 -9.86 4.89 21.91
N VAL B 229 -9.51 6.16 22.09
CA VAL B 229 -8.17 6.62 21.89
C VAL B 229 -7.18 5.97 22.86
N PHE B 230 -7.64 5.57 24.04
CA PHE B 230 -6.77 5.02 25.10
C PHE B 230 -6.94 3.49 25.16
N ASN B 231 -5.82 2.82 24.89
CA ASN B 231 -5.79 1.38 24.64
C ASN B 231 -4.67 0.78 25.49
N PRO B 232 -4.91 0.52 26.78
CA PRO B 232 -3.92 -0.11 27.63
C PRO B 232 -3.69 -1.58 27.32
N THR B 233 -2.43 -2.02 27.40
CA THR B 233 -2.08 -3.42 27.22
C THR B 233 -1.41 -3.93 28.50
N HIS B 234 -1.11 -5.22 28.52
CA HIS B 234 -0.66 -5.91 29.70
C HIS B 234 -1.64 -5.78 30.90
N VAL B 235 -2.94 -5.64 30.63
CA VAL B 235 -3.94 -5.41 31.71
C VAL B 235 -4.08 -6.56 32.70
N ASN B 236 -3.63 -7.75 32.28
CA ASN B 236 -3.58 -8.92 33.15
C ASN B 236 -2.27 -9.11 33.94
N ARG B 237 -1.32 -8.20 33.81
CA ARG B 237 -0.03 -8.38 34.48
C ARG B 237 -0.14 -8.40 36.01
N ASN B 238 -1.09 -7.68 36.59
CA ASN B 238 -1.42 -7.83 37.99
C ASN B 238 -2.91 -7.65 38.28
N LYS B 239 -3.34 -8.16 39.42
CA LYS B 239 -4.78 -8.32 39.71
C LYS B 239 -5.54 -6.99 39.95
N PRO B 240 -4.98 -6.05 40.75
CA PRO B 240 -5.62 -4.75 40.86
C PRO B 240 -5.75 -4.06 39.48
N LEU B 241 -4.73 -4.19 38.63
CA LEU B 241 -4.73 -3.54 37.29
C LEU B 241 -5.81 -4.16 36.42
N PHE B 242 -5.99 -5.45 36.58
CA PHE B 242 -7.01 -6.11 35.82
C PHE B 242 -8.40 -5.66 36.24
N GLU B 243 -8.64 -5.56 37.54
CA GLU B 243 -9.93 -5.03 38.04
C GLU B 243 -10.21 -3.64 37.50
N ASP B 244 -9.20 -2.78 37.56
CA ASP B 244 -9.36 -1.40 37.07
C ASP B 244 -9.60 -1.34 35.56
N SER B 245 -9.01 -2.28 34.82
CA SER B 245 -9.14 -2.27 33.39
C SER B 245 -10.54 -2.73 32.99
N CYS B 246 -11.08 -3.70 33.74
CA CYS B 246 -12.45 -4.14 33.56
C CYS B 246 -13.41 -2.99 33.76
N LYS B 247 -13.21 -2.19 34.81
CA LYS B 247 -14.02 -0.96 35.01
C LYS B 247 -13.91 -0.01 33.85
N LEU B 248 -12.75 0.01 33.23
CA LEU B 248 -12.51 0.94 32.13
C LEU B 248 -13.35 0.60 30.90
N LEU B 249 -13.79 -0.66 30.76
CA LEU B 249 -14.60 -1.04 29.60
C LEU B 249 -15.91 -0.30 29.56
N SER B 250 -16.44 0.09 30.74
CA SER B 250 -17.71 0.84 30.73
C SER B 250 -17.54 2.23 30.14
N LYS B 251 -16.32 2.80 30.21
CA LYS B 251 -16.02 4.05 29.54
C LYS B 251 -15.98 3.98 27.99
N GLY B 252 -15.89 2.79 27.38
CA GLY B 252 -15.77 2.65 25.91
C GLY B 252 -14.37 2.20 25.40
N CYS B 253 -13.36 2.04 26.28
CA CYS B 253 -12.02 1.68 25.84
C CYS B 253 -11.95 0.23 25.43
N HIS B 254 -11.08 -0.04 24.45
CA HIS B 254 -10.60 -1.38 24.19
C HIS B 254 -9.39 -1.64 25.12
N ILE B 255 -9.34 -2.83 25.73
CA ILE B 255 -8.22 -3.20 26.60
C ILE B 255 -7.60 -4.47 26.06
N ASP B 256 -6.31 -4.60 26.27
CA ASP B 256 -5.51 -5.62 25.61
C ASP B 256 -4.81 -6.50 26.60
N LEU B 257 -5.11 -7.77 26.51
CA LEU B 257 -4.47 -8.79 27.34
C LEU B 257 -3.23 -9.24 26.63
N THR B 258 -2.20 -9.59 27.41
CA THR B 258 -0.98 -10.13 26.88
C THR B 258 -0.99 -11.64 27.10
N ALA B 259 -0.81 -12.43 26.03
CA ALA B 259 -0.69 -13.92 26.18
C ALA B 259 0.67 -14.32 26.70
N PHE B 260 0.89 -14.13 28.00
CA PHE B 260 2.11 -14.58 28.64
C PHE B 260 2.19 -16.07 28.45
N PRO B 261 3.38 -16.59 28.17
CA PRO B 261 3.58 -18.07 28.17
C PRO B 261 3.15 -18.84 29.46
N ALA B 262 3.00 -20.16 29.35
CA ALA B 262 3.22 -21.13 30.48
C ALA B 262 2.57 -20.74 31.82
N GLY B 263 3.30 -20.83 32.92
CA GLY B 263 2.88 -20.26 34.21
C GLY B 263 3.74 -19.04 34.53
N THR B 264 3.83 -18.10 33.59
CA THR B 264 4.62 -16.88 33.77
C THR B 264 3.79 -15.58 34.06
N ALA B 265 2.45 -15.69 34.16
CA ALA B 265 1.55 -14.56 34.54
C ALA B 265 1.74 -14.04 35.98
N GLN B 266 2.40 -14.88 36.79
CA GLN B 266 3.29 -14.43 37.88
C GLN B 266 2.43 -13.91 39.02
N PRO B 267 2.33 -12.56 39.26
CA PRO B 267 1.30 -12.25 40.28
C PRO B 267 -0.07 -11.86 39.68
N GLY B 268 -0.17 -11.75 38.34
CA GLY B 268 -1.45 -11.40 37.70
C GLY B 268 -2.20 -12.65 37.28
N TRP B 269 -2.89 -12.59 36.15
CA TRP B 269 -3.66 -13.70 35.60
C TRP B 269 -3.12 -14.17 34.27
N GLU B 270 -2.96 -15.48 34.10
CA GLU B 270 -2.85 -16.10 32.77
C GLU B 270 -3.97 -15.52 31.89
N ALA B 271 -3.67 -15.24 30.62
CA ALA B 271 -4.65 -14.68 29.73
C ALA B 271 -5.92 -15.54 29.65
N CYS B 272 -5.79 -16.87 29.72
CA CYS B 272 -6.93 -17.75 29.64
C CYS B 272 -7.88 -17.55 30.84
N ASP B 273 -7.33 -17.37 32.04
CA ASP B 273 -8.16 -17.08 33.21
C ASP B 273 -8.80 -15.71 33.14
N ALA B 274 -8.06 -14.71 32.66
CA ALA B 274 -8.59 -13.36 32.57
C ALA B 274 -9.79 -13.33 31.63
N ILE B 275 -9.65 -14.04 30.51
CA ILE B 275 -10.71 -14.17 29.54
C ILE B 275 -11.96 -14.88 30.13
N GLU B 276 -11.74 -16.01 30.80
CA GLU B 276 -12.80 -16.70 31.52
C GLU B 276 -13.52 -15.75 32.45
N MET B 277 -12.76 -15.02 33.26
CA MET B 277 -13.37 -14.09 34.20
C MET B 277 -14.25 -13.06 33.50
N ALA B 278 -13.80 -12.57 32.33
CA ALA B 278 -14.55 -11.54 31.60
C ALA B 278 -15.88 -12.04 31.03
N VAL B 279 -15.85 -13.28 30.58
CA VAL B 279 -17.05 -13.96 30.12
C VAL B 279 -17.99 -14.16 31.33
N GLU B 280 -17.49 -14.68 32.47
CA GLU B 280 -18.37 -14.89 33.66
C GLU B 280 -19.02 -13.60 34.14
N ARG B 281 -18.24 -12.50 34.11
CA ARG B 281 -18.73 -11.21 34.55
C ARG B 281 -19.56 -10.43 33.54
N GLN B 282 -19.84 -11.00 32.36
CA GLN B 282 -20.72 -10.39 31.37
C GLN B 282 -20.23 -8.97 31.00
N LEU B 283 -18.91 -8.82 30.90
CA LEU B 283 -18.31 -7.60 30.37
C LEU B 283 -18.51 -7.53 28.85
N PRO B 284 -18.37 -6.32 28.23
CA PRO B 284 -18.47 -6.23 26.75
C PRO B 284 -17.23 -6.79 26.02
N LEU B 285 -17.40 -8.00 25.51
CA LEU B 285 -16.28 -8.83 25.04
C LEU B 285 -15.65 -8.38 23.71
N GLU B 286 -16.43 -7.64 22.94
CA GLU B 286 -15.96 -6.97 21.73
C GLU B 286 -14.85 -5.95 22.00
N GLN B 287 -14.77 -5.44 23.24
CA GLN B 287 -13.76 -4.46 23.61
C GLN B 287 -12.48 -5.06 24.25
N ILE B 288 -12.33 -6.37 24.14
CA ILE B 288 -11.19 -7.12 24.69
C ILE B 288 -10.40 -7.79 23.56
N THR B 289 -9.09 -7.56 23.57
CA THR B 289 -8.16 -8.12 22.60
C THR B 289 -7.02 -8.85 23.34
N LEU B 290 -6.20 -9.54 22.55
CA LEU B 290 -5.15 -10.39 23.04
C LEU B 290 -3.98 -10.20 22.08
N SER B 291 -2.80 -9.97 22.63
CA SER B 291 -1.62 -9.79 21.81
C SER B 291 -0.50 -10.66 22.41
N SER B 292 0.55 -10.93 21.63
CA SER B 292 1.59 -11.89 22.04
C SER B 292 2.78 -11.32 22.73
N ASP B 293 3.09 -10.07 22.43
CA ASP B 293 4.39 -9.50 22.84
C ASP B 293 5.62 -10.26 22.24
N GLY B 294 5.42 -10.83 21.06
CA GLY B 294 6.41 -11.67 20.38
C GLY B 294 7.66 -10.88 20.09
N GLY B 295 8.79 -11.51 20.42
CA GLY B 295 10.11 -10.90 20.28
C GLY B 295 10.53 -10.06 21.48
N GLY B 296 9.60 -9.75 22.39
CA GLY B 296 9.90 -8.97 23.59
C GLY B 296 10.58 -9.82 24.63
N CYS B 297 11.31 -9.17 25.54
CA CYS B 297 11.73 -9.78 26.81
C CYS B 297 10.59 -9.58 27.81
N LEU B 298 10.41 -10.53 28.71
CA LEU B 298 9.39 -10.48 29.78
C LEU B 298 10.14 -10.60 31.15
N PRO B 299 10.87 -9.53 31.57
CA PRO B 299 11.67 -9.55 32.82
C PRO B 299 10.86 -9.51 34.10
N CYS B 300 11.49 -9.97 35.18
CA CYS B 300 10.86 -9.93 36.48
C CYS B 300 10.72 -8.48 37.00
N MET B 310 13.91 -13.73 33.53
CA MET B 310 13.58 -13.03 32.30
C MET B 310 13.09 -13.96 31.16
N ASP B 311 11.84 -13.79 30.73
CA ASP B 311 11.18 -14.64 29.68
C ASP B 311 11.17 -14.02 28.24
N PHE B 312 10.80 -14.83 27.23
CA PHE B 312 10.68 -14.36 25.83
C PHE B 312 9.25 -14.53 25.26
N GLY B 313 8.73 -13.45 24.67
CA GLY B 313 7.45 -13.49 23.97
C GLY B 313 7.58 -14.19 22.62
N ARG B 314 6.52 -14.88 22.22
CA ARG B 314 6.46 -15.46 20.87
C ARG B 314 4.98 -15.55 20.45
N ALA B 315 4.76 -15.47 19.15
CA ALA B 315 3.39 -15.42 18.65
C ALA B 315 2.55 -16.68 18.93
N SER B 316 3.20 -17.82 19.08
CA SER B 316 2.49 -19.08 19.32
C SER B 316 1.79 -19.09 20.70
N THR B 317 2.04 -18.11 21.56
CA THR B 317 1.25 -18.07 22.78
C THR B 317 -0.18 -17.74 22.50
N LEU B 318 -0.47 -17.15 21.32
CA LEU B 318 -1.83 -16.80 20.98
C LEU B 318 -2.68 -18.07 20.88
N GLY B 319 -2.28 -18.99 20.00
CA GLY B 319 -2.92 -20.27 19.81
C GLY B 319 -3.02 -21.03 21.11
N GLU B 320 -1.96 -21.01 21.93
CA GLU B 320 -2.00 -21.72 23.22
C GLU B 320 -3.09 -21.18 24.13
N THR B 321 -3.18 -19.86 24.23
CA THR B 321 -4.19 -19.19 25.03
C THR B 321 -5.58 -19.57 24.51
N LEU B 322 -5.74 -19.60 23.21
CA LEU B 322 -7.00 -20.06 22.61
C LEU B 322 -7.32 -21.48 23.06
N VAL B 323 -6.37 -22.41 22.92
CA VAL B 323 -6.65 -23.80 23.28
C VAL B 323 -7.01 -23.91 24.78
N ALA B 324 -6.27 -23.22 25.61
CA ALA B 324 -6.53 -23.23 27.05
C ALA B 324 -7.89 -22.73 27.36
N THR B 325 -8.37 -21.71 26.62
CA THR B 325 -9.72 -21.19 26.84
C THR B 325 -10.83 -22.12 26.36
N LEU B 326 -10.65 -22.85 25.26
CA LEU B 326 -11.65 -23.84 24.82
C LEU B 326 -11.68 -25.05 25.79
N ASN B 327 -10.53 -25.46 26.34
CA ASN B 327 -10.50 -26.57 27.33
C ASN B 327 -11.20 -26.19 28.64
N LYS B 328 -11.44 -24.90 28.87
CA LYS B 328 -12.30 -24.43 30.00
C LYS B 328 -13.80 -24.51 29.74
N GLY B 329 -14.19 -24.92 28.55
CA GLY B 329 -15.59 -24.97 28.16
C GLY B 329 -16.10 -23.73 27.46
N LEU B 330 -15.26 -22.71 27.21
CA LEU B 330 -15.71 -21.57 26.40
C LEU B 330 -15.83 -21.92 24.95
N SER B 331 -16.72 -21.20 24.31
CA SER B 331 -16.98 -21.42 22.90
C SER B 331 -16.00 -20.62 22.05
N LEU B 332 -15.60 -21.24 20.94
CA LEU B 332 -14.72 -20.62 19.96
C LEU B 332 -15.16 -19.26 19.47
N GLU B 333 -16.45 -19.12 19.18
CA GLU B 333 -16.99 -17.83 18.70
C GLU B 333 -16.96 -16.69 19.78
N THR B 334 -16.88 -17.08 21.05
CA THR B 334 -16.75 -16.12 22.15
C THR B 334 -15.35 -15.55 22.29
N VAL B 335 -14.33 -16.39 22.05
CA VAL B 335 -12.94 -16.01 22.30
C VAL B 335 -12.19 -15.57 21.03
N LEU B 336 -12.44 -16.27 19.93
CA LEU B 336 -11.88 -15.92 18.62
C LEU B 336 -11.88 -14.44 18.22
N PRO B 337 -13.00 -13.69 18.42
CA PRO B 337 -12.99 -12.24 18.14
C PRO B 337 -11.87 -11.43 18.82
N MET B 338 -11.37 -11.94 19.94
CA MET B 338 -10.32 -11.27 20.70
C MET B 338 -8.96 -11.36 19.99
N LEU B 339 -8.82 -12.31 19.07
CA LEU B 339 -7.64 -12.38 18.22
C LEU B 339 -7.86 -11.84 16.80
N THR B 340 -9.07 -11.38 16.45
CA THR B 340 -9.42 -11.16 15.07
C THR B 340 -10.28 -9.92 14.95
N SER B 341 -11.59 -10.08 14.99
CA SER B 341 -12.46 -8.96 14.66
C SER B 341 -12.39 -7.82 15.71
N ASN B 342 -12.17 -8.12 16.98
CA ASN B 342 -12.11 -7.04 17.95
C ASN B 342 -10.84 -6.21 17.74
N VAL B 343 -9.79 -6.81 17.17
CA VAL B 343 -8.56 -6.09 16.96
C VAL B 343 -8.72 -5.19 15.76
N ALA B 344 -9.28 -5.78 14.71
CA ALA B 344 -9.54 -5.07 13.45
C ALA B 344 -10.43 -3.88 13.67
N ASN B 345 -11.35 -4.01 14.64
CA ASN B 345 -12.25 -2.90 14.97
C ASN B 345 -11.51 -1.71 15.61
N ILE B 346 -10.81 -1.92 16.72
CA ILE B 346 -10.02 -0.80 17.35
C ILE B 346 -8.93 -0.23 16.44
N LEU B 347 -8.30 -1.06 15.61
CA LEU B 347 -7.27 -0.52 14.74
C LEU B 347 -7.78 -0.04 13.37
N ARG B 348 -9.07 -0.15 13.09
CA ARG B 348 -9.65 0.36 11.87
C ARG B 348 -9.05 -0.31 10.64
N PHE B 349 -8.90 -1.63 10.74
CA PHE B 349 -8.43 -2.48 9.65
C PHE B 349 -9.70 -3.02 9.04
N LYS B 350 -10.33 -2.14 8.26
CA LYS B 350 -11.65 -2.37 7.67
C LYS B 350 -11.77 -3.61 6.77
N ASN B 351 -10.66 -4.11 6.23
CA ASN B 351 -10.68 -5.26 5.39
C ASN B 351 -10.13 -6.50 6.03
N LYS B 352 -9.99 -6.52 7.35
CA LYS B 352 -9.40 -7.66 8.10
C LYS B 352 -10.34 -8.17 9.23
N GLY B 353 -10.04 -9.34 9.77
CA GLY B 353 -10.62 -9.82 11.01
C GLY B 353 -11.90 -10.62 10.86
N GLN B 354 -12.36 -10.81 9.61
CA GLN B 354 -13.62 -11.44 9.37
C GLN B 354 -13.58 -12.25 8.11
N ILE B 355 -14.37 -13.32 8.11
CA ILE B 355 -14.56 -14.15 6.92
C ILE B 355 -15.88 -13.72 6.25
N ALA B 356 -15.75 -12.79 5.32
CA ALA B 356 -16.88 -12.16 4.63
C ALA B 356 -16.43 -11.66 3.28
N VAL B 357 -17.37 -11.59 2.35
CA VAL B 357 -17.12 -11.18 0.99
C VAL B 357 -16.58 -9.76 1.01
N GLY B 358 -15.53 -9.51 0.24
CA GLY B 358 -14.88 -8.21 0.18
C GLY B 358 -13.71 -7.98 1.15
N PHE B 359 -13.49 -8.87 2.12
CA PHE B 359 -12.41 -8.73 3.11
C PHE B 359 -11.19 -9.46 2.58
N ASP B 360 -10.03 -9.22 3.20
CA ASP B 360 -8.78 -9.76 2.72
C ASP B 360 -8.81 -11.25 3.03
N ALA B 361 -8.23 -12.04 2.13
CA ALA B 361 -8.18 -13.49 2.30
C ALA B 361 -7.04 -13.89 3.26
N ASP B 362 -7.26 -13.63 4.56
CA ASP B 362 -6.34 -14.02 5.62
C ASP B 362 -7.15 -15.01 6.49
N LEU B 363 -6.74 -16.27 6.47
CA LEU B 363 -7.51 -17.42 6.93
C LEU B 363 -6.62 -18.45 7.54
N LEU B 364 -7.15 -19.14 8.53
CA LEU B 364 -6.50 -20.32 9.14
C LEU B 364 -7.45 -21.50 8.96
N VAL B 365 -6.88 -22.66 8.76
CA VAL B 365 -7.58 -23.90 8.99
C VAL B 365 -7.04 -24.61 10.22
N MET B 366 -7.94 -25.10 11.05
CA MET B 366 -7.62 -25.87 12.26
C MET B 366 -8.11 -27.31 12.21
N ASN B 367 -7.40 -28.20 12.89
CA ASN B 367 -7.94 -29.53 13.16
C ASN B 367 -8.85 -29.49 14.38
N GLU B 368 -9.41 -30.64 14.77
CA GLU B 368 -10.44 -30.70 15.86
C GLU B 368 -9.82 -30.35 17.21
N LYS B 369 -8.50 -30.54 17.33
CA LYS B 369 -7.71 -30.19 18.54
C LYS B 369 -7.18 -28.70 18.56
N TYR B 370 -7.71 -27.89 17.64
CA TYR B 370 -7.45 -26.46 17.52
C TYR B 370 -6.00 -26.10 17.17
N GLU B 371 -5.29 -27.04 16.54
CA GLU B 371 -3.95 -26.82 16.01
C GLU B 371 -4.12 -26.29 14.60
N ILE B 372 -3.26 -25.35 14.24
CA ILE B 372 -3.39 -24.69 12.94
C ILE B 372 -2.68 -25.51 11.85
N THR B 373 -3.43 -26.04 10.90
CA THR B 373 -2.83 -26.88 9.87
C THR B 373 -2.57 -26.13 8.59
N ASP B 374 -3.31 -25.04 8.35
CA ASP B 374 -3.06 -24.24 7.18
C ASP B 374 -3.16 -22.76 7.47
N VAL B 375 -2.39 -21.97 6.75
CA VAL B 375 -2.37 -20.51 6.97
C VAL B 375 -2.32 -19.79 5.62
N MET B 376 -3.28 -18.90 5.38
CA MET B 376 -3.34 -18.16 4.16
C MET B 376 -3.25 -16.68 4.51
N ALA B 377 -2.34 -15.98 3.83
CA ALA B 377 -2.14 -14.55 3.97
C ALA B 377 -2.22 -13.92 2.60
N GLN B 378 -3.05 -12.89 2.51
CA GLN B 378 -3.40 -12.23 1.24
C GLN B 378 -3.72 -13.20 0.07
N GLY B 379 -4.35 -14.31 0.33
CA GLY B 379 -4.62 -15.27 -0.74
C GLY B 379 -3.50 -16.21 -1.13
N VAL B 380 -2.40 -16.23 -0.34
CA VAL B 380 -1.24 -17.06 -0.59
C VAL B 380 -1.06 -17.97 0.56
N TRP B 381 -0.77 -19.24 0.29
CA TRP B 381 -0.65 -20.21 1.36
C TRP B 381 0.74 -20.06 1.95
N HIS B 382 0.88 -19.89 3.26
CA HIS B 382 2.18 -19.95 3.93
C HIS B 382 2.44 -21.26 4.65
N LYS B 383 1.38 -22.03 4.83
CA LYS B 383 1.46 -23.31 5.48
C LYS B 383 0.24 -24.04 4.96
N GLN B 384 0.46 -25.26 4.49
CA GLN B 384 -0.60 -26.16 4.05
C GLN B 384 -0.32 -27.54 4.62
N ASN B 385 -1.37 -28.18 5.09
CA ASN B 385 -1.34 -29.53 5.60
C ASN B 385 -0.16 -29.80 6.53
N ASN B 386 0.02 -28.92 7.51
CA ASN B 386 1.11 -29.00 8.48
C ASN B 386 2.50 -28.79 7.90
N GLN B 387 2.61 -28.31 6.66
CA GLN B 387 3.91 -28.05 6.05
C GLN B 387 4.09 -26.57 5.74
N THR B 388 5.30 -26.08 6.01
CA THR B 388 5.66 -24.71 5.75
C THR B 388 5.86 -24.51 4.26
N MET B 389 5.12 -23.59 3.66
CA MET B 389 5.17 -23.30 2.25
C MET B 389 6.02 -22.08 1.95
N ILE B 390 6.14 -21.14 2.88
CA ILE B 390 6.96 -19.97 2.65
C ILE B 390 7.80 -19.72 3.88
N LYS B 391 9.06 -19.45 3.65
CA LYS B 391 10.00 -19.11 4.73
C LYS B 391 10.41 -17.66 4.51
N GLY B 392 10.80 -17.01 5.60
CA GLY B 392 11.44 -15.72 5.52
C GLY B 392 12.73 -15.85 4.74
N THR B 393 13.15 -14.74 4.15
CA THR B 393 14.40 -14.68 3.40
C THR B 393 15.61 -15.32 4.09
N PHE B 394 15.76 -15.17 5.42
CA PHE B 394 16.90 -15.81 6.17
C PHE B 394 16.56 -16.87 7.21
N GLU B 395 15.44 -17.58 7.04
CA GLU B 395 15.10 -18.71 7.92
C GLU B 395 15.65 -20.00 7.29
#